data_8DDY
#
_entry.id   8DDY
#
_cell.length_a   1.00
_cell.length_b   1.00
_cell.length_c   1.00
_cell.angle_alpha   90.00
_cell.angle_beta   90.00
_cell.angle_gamma   90.00
#
_symmetry.space_group_name_H-M   'P 1'
#
loop_
_entity.id
_entity.type
_entity.pdbx_description
1 polymer 'Allophycocyanin subunit alpha'
2 polymer 'Allophycocyanin subunit beta'
3 non-polymer PHYCOCYANOBILIN
4 non-polymer 'CHLORIDE ION'
5 water water
#
loop_
_entity_poly.entity_id
_entity_poly.type
_entity_poly.pdbx_seq_one_letter_code
_entity_poly.pdbx_strand_id
1 'polypeptide(L)'
;MGHHHHHHHHHHSSGHIEGRHMQAAASMSIVAQVIAQSDAADRFLSSAEIAKLEDFFSKGQVRIRAAQKLAENEQKIVQE
GSKRFWAKCPNTPSNKGNPQKTALCQRDQGWYIRLVSYCILAGNDKPLEDIGLNGMREMYISLGVPLPNLRVAMSCLKEV
AAGILSSEEMALAAPYFDRLIRAF
;
A,C,E
2 'polypeptide(L)'
;MKDTITSLINPADEKGSYLDAAALEQLNRYFQSGNMRVKAAKTISSSASSIISKTVAKSLLYGDITLPGG(MEN)MYPTR
RYAACLRDLTYFLRYATYAMLAADPSILDERVLQGLKETYITLGVPIDRVIQALNAMKEVLTESLDTEASQEMAVYLDHI
IAGLS
;
B,D,F
#
loop_
_chem_comp.id
_chem_comp.type
_chem_comp.name
_chem_comp.formula
CL non-polymer 'CHLORIDE ION' 'Cl -1'
CYC non-polymer PHYCOCYANOBILIN 'C33 H40 N4 O6'
#
# COMPACT_ATOMS: atom_id res chain seq x y z
N SER A 27 17.94 -28.46 1.75
CA SER A 27 18.40 -28.76 3.10
C SER A 27 18.28 -30.26 3.39
N MET A 28 18.78 -31.07 2.46
CA MET A 28 18.78 -32.51 2.66
C MET A 28 20.04 -32.97 3.39
N SER A 29 21.20 -32.46 3.00
CA SER A 29 22.45 -32.84 3.62
C SER A 29 22.63 -32.13 4.96
N ILE A 30 23.60 -32.61 5.73
CA ILE A 30 23.82 -32.05 7.07
C ILE A 30 24.43 -30.65 6.99
N VAL A 31 25.26 -30.37 5.98
CA VAL A 31 25.89 -29.07 5.83
C VAL A 31 24.86 -28.00 5.50
N ALA A 32 23.93 -28.33 4.60
CA ALA A 32 22.86 -27.41 4.24
C ALA A 32 21.91 -27.16 5.41
N GLN A 33 21.63 -28.16 6.23
CA GLN A 33 20.79 -27.94 7.41
C GLN A 33 21.49 -27.08 8.44
N VAL A 34 22.79 -27.29 8.64
CA VAL A 34 23.58 -26.45 9.54
C VAL A 34 23.58 -24.98 9.08
N ILE A 35 23.75 -24.76 7.77
CA ILE A 35 23.73 -23.42 7.22
C ILE A 35 22.33 -22.81 7.29
N ALA A 36 21.28 -23.63 7.12
CA ALA A 36 19.92 -23.11 7.21
C ALA A 36 19.52 -22.77 8.64
N GLN A 37 19.95 -23.54 9.63
CA GLN A 37 19.75 -23.17 11.02
C GLN A 37 20.53 -21.93 11.42
N SER A 38 21.75 -21.76 10.94
CA SER A 38 22.50 -20.55 11.25
C SER A 38 21.98 -19.32 10.53
N ASP A 39 21.48 -19.47 9.31
CA ASP A 39 20.95 -18.34 8.56
C ASP A 39 19.61 -17.86 9.09
N ALA A 40 18.80 -18.78 9.63
CA ALA A 40 17.49 -18.40 10.14
C ALA A 40 17.60 -17.55 11.39
N ALA A 41 18.66 -17.74 12.16
CA ALA A 41 18.91 -17.00 13.38
C ALA A 41 19.81 -15.80 13.18
N ASP A 42 20.20 -15.50 11.94
CA ASP A 42 20.94 -14.29 11.53
C ASP A 42 22.29 -14.18 12.21
N ARG A 43 22.95 -15.32 12.35
CA ARG A 43 24.19 -15.43 13.09
C ARG A 43 25.11 -16.44 12.44
N PHE A 44 26.36 -16.46 12.91
CA PHE A 44 27.40 -17.30 12.35
C PHE A 44 27.28 -18.72 12.88
N LEU A 45 28.31 -19.52 12.70
CA LEU A 45 28.15 -20.93 12.99
C LEU A 45 28.48 -21.19 14.46
N SER A 46 27.50 -21.66 15.23
CA SER A 46 27.75 -21.88 16.65
C SER A 46 28.55 -23.15 16.85
N SER A 47 29.07 -23.32 18.07
CA SER A 47 30.04 -24.38 18.36
C SER A 47 29.40 -25.76 18.30
N ALA A 48 28.09 -25.84 18.53
CA ALA A 48 27.38 -27.10 18.34
C ALA A 48 27.37 -27.51 16.88
N GLU A 49 27.22 -26.54 15.98
CA GLU A 49 27.19 -26.83 14.56
C GLU A 49 28.57 -27.15 14.01
N ILE A 50 29.61 -26.49 14.55
CA ILE A 50 30.99 -26.88 14.25
C ILE A 50 31.29 -28.27 14.77
N ALA A 51 30.72 -28.62 15.93
CA ALA A 51 30.91 -29.96 16.47
C ALA A 51 30.23 -31.02 15.61
N LYS A 52 29.03 -30.71 15.11
CA LYS A 52 28.35 -31.62 14.18
C LYS A 52 29.08 -31.77 12.86
N LEU A 53 29.65 -30.70 12.33
CA LEU A 53 30.36 -30.82 11.06
C LEU A 53 31.75 -31.39 11.21
N GLU A 54 32.32 -31.30 12.41
CA GLU A 54 33.54 -32.04 12.71
C GLU A 54 33.32 -33.54 12.68
N ASP A 55 32.23 -34.02 13.27
CA ASP A 55 31.97 -35.45 13.29
C ASP A 55 31.51 -35.96 11.94
N PHE A 56 30.99 -35.09 11.07
CA PHE A 56 30.61 -35.54 9.74
C PHE A 56 31.81 -35.63 8.82
N PHE A 57 32.72 -34.67 8.88
CA PHE A 57 33.80 -34.59 7.90
C PHE A 57 35.04 -35.37 8.32
N SER A 58 35.10 -35.85 9.56
CA SER A 58 36.28 -36.57 10.00
C SER A 58 36.29 -37.98 9.43
N LYS A 59 35.12 -38.58 9.31
CA LYS A 59 34.98 -39.93 8.79
C LYS A 59 34.32 -39.96 7.42
N GLY A 60 34.55 -38.90 6.64
CA GLY A 60 34.01 -38.78 5.31
C GLY A 60 34.68 -39.61 4.25
N GLN A 61 35.85 -40.15 4.53
CA GLN A 61 36.45 -41.12 3.64
C GLN A 61 35.73 -42.46 3.74
N VAL A 62 35.38 -42.83 4.97
CA VAL A 62 34.56 -44.00 5.27
C VAL A 62 33.19 -43.89 4.61
N ARG A 63 32.63 -42.68 4.53
CA ARG A 63 31.32 -42.49 3.91
C ARG A 63 31.34 -42.75 2.42
N ILE A 64 32.37 -42.23 1.73
CA ILE A 64 32.58 -42.48 0.32
C ILE A 64 32.80 -43.96 0.08
N ARG A 65 33.64 -44.60 0.89
CA ARG A 65 33.93 -46.03 0.78
C ARG A 65 32.70 -46.88 1.02
N ALA A 66 31.86 -46.50 1.99
CA ALA A 66 30.66 -47.26 2.31
C ALA A 66 29.60 -47.13 1.23
N ALA A 67 29.42 -45.91 0.69
CA ALA A 67 28.46 -45.72 -0.39
C ALA A 67 28.91 -46.42 -1.66
N GLN A 68 30.22 -46.40 -1.95
CA GLN A 68 30.77 -47.11 -3.10
C GLN A 68 30.62 -48.62 -2.93
N LYS A 69 30.80 -49.13 -1.72
CA LYS A 69 30.66 -50.56 -1.47
C LYS A 69 29.20 -50.99 -1.56
N LEU A 70 28.27 -50.18 -1.04
CA LEU A 70 26.85 -50.51 -1.12
C LEU A 70 26.35 -50.45 -2.56
N ALA A 71 26.88 -49.52 -3.36
CA ALA A 71 26.59 -49.53 -4.79
C ALA A 71 27.21 -50.71 -5.51
N GLU A 72 28.40 -51.13 -5.09
CA GLU A 72 29.21 -52.08 -5.84
C GLU A 72 28.63 -53.49 -5.79
N ASN A 73 28.16 -53.91 -4.63
CA ASN A 73 27.56 -55.23 -4.49
C ASN A 73 26.17 -55.15 -3.85
N GLU A 74 25.35 -54.26 -4.42
CA GLU A 74 23.92 -54.19 -4.13
C GLU A 74 23.24 -55.53 -4.28
N GLN A 75 23.45 -56.16 -5.45
CA GLN A 75 22.69 -57.32 -5.86
C GLN A 75 23.04 -58.53 -5.02
N LYS A 76 24.31 -58.66 -4.64
CA LYS A 76 24.75 -59.71 -3.73
C LYS A 76 24.04 -59.62 -2.39
N ILE A 77 23.93 -58.41 -1.86
CA ILE A 77 23.20 -58.15 -0.62
C ILE A 77 21.72 -58.49 -0.78
N VAL A 78 21.14 -58.11 -1.92
CA VAL A 78 19.69 -58.25 -2.12
C VAL A 78 19.28 -59.72 -2.23
N GLN A 79 19.99 -60.52 -3.04
CA GLN A 79 19.64 -61.95 -3.10
C GLN A 79 20.04 -62.71 -1.83
N GLU A 80 21.17 -62.34 -1.20
CA GLU A 80 21.55 -63.05 0.01
C GLU A 80 20.64 -62.68 1.19
N GLY A 81 20.06 -61.48 1.19
CA GLY A 81 19.07 -61.16 2.19
C GLY A 81 17.69 -61.70 1.88
N SER A 82 17.36 -61.82 0.59
CA SER A 82 16.09 -62.41 0.19
C SER A 82 16.02 -63.87 0.56
N LYS A 83 17.14 -64.60 0.44
CA LYS A 83 17.18 -66.00 0.85
C LYS A 83 16.95 -66.16 2.35
N ARG A 84 17.60 -65.30 3.17
CA ARG A 84 17.43 -65.39 4.62
C ARG A 84 16.04 -64.95 5.03
N PHE A 85 15.47 -63.99 4.30
CA PHE A 85 14.14 -63.50 4.59
C PHE A 85 13.07 -64.51 4.21
N TRP A 86 13.26 -65.24 3.10
CA TRP A 86 12.33 -66.30 2.75
C TRP A 86 12.50 -67.52 3.63
N ALA A 87 13.68 -67.72 4.22
CA ALA A 87 13.81 -68.73 5.26
C ALA A 87 13.09 -68.31 6.53
N LYS A 88 13.28 -67.07 6.99
CA LYS A 88 12.67 -66.60 8.21
C LYS A 88 11.20 -66.24 8.06
N CYS A 89 10.73 -65.97 6.84
CA CYS A 89 9.31 -65.67 6.61
C CYS A 89 8.94 -66.22 5.23
N PRO A 90 8.36 -67.42 5.17
CA PRO A 90 7.94 -67.98 3.87
C PRO A 90 6.56 -67.55 3.42
N ASN A 91 5.81 -66.81 4.24
CA ASN A 91 4.41 -66.48 3.98
C ASN A 91 4.28 -65.11 3.34
N THR A 92 5.18 -64.79 2.44
CA THR A 92 5.26 -63.47 1.84
C THR A 92 4.50 -63.43 0.53
N PRO A 93 4.12 -62.23 0.06
CA PRO A 93 3.72 -62.09 -1.34
C PRO A 93 4.81 -62.42 -2.35
N SER A 94 6.09 -62.33 -1.96
CA SER A 94 7.18 -62.76 -2.83
C SER A 94 7.17 -64.27 -3.04
N ASN A 95 6.95 -65.04 -1.97
CA ASN A 95 6.91 -66.51 -2.04
C ASN A 95 5.50 -66.97 -2.37
N LYS A 96 5.03 -66.57 -3.54
CA LYS A 96 3.73 -67.06 -4.00
C LYS A 96 3.82 -67.59 -5.43
N GLY A 97 5.01 -67.89 -5.92
CA GLY A 97 5.16 -68.51 -7.21
C GLY A 97 5.42 -67.57 -8.36
N ASN A 98 4.59 -66.54 -8.53
CA ASN A 98 4.75 -65.66 -9.67
C ASN A 98 5.97 -64.77 -9.49
N PRO A 99 6.80 -64.61 -10.52
CA PRO A 99 8.12 -63.99 -10.33
C PRO A 99 8.09 -62.48 -10.31
N GLN A 100 6.93 -61.86 -10.46
CA GLN A 100 6.92 -60.45 -10.74
C GLN A 100 6.70 -59.66 -9.45
N LYS A 101 5.93 -60.21 -8.51
CA LYS A 101 5.94 -59.70 -7.15
C LYS A 101 7.29 -59.91 -6.46
N THR A 102 7.94 -61.03 -6.75
CA THR A 102 9.29 -61.30 -6.28
C THR A 102 10.29 -60.27 -6.81
N ALA A 103 10.20 -59.93 -8.10
CA ALA A 103 11.01 -58.89 -8.69
C ALA A 103 10.73 -57.51 -8.11
N LEU A 104 9.48 -57.20 -7.78
CA LEU A 104 9.16 -55.93 -7.13
C LEU A 104 9.71 -55.87 -5.71
N CYS A 105 9.74 -57.01 -5.01
CA CYS A 105 10.37 -57.06 -3.69
C CYS A 105 11.89 -56.85 -3.77
N GLN A 106 12.54 -57.51 -4.74
CA GLN A 106 13.99 -57.32 -4.94
C GLN A 106 14.31 -55.88 -5.31
N ARG A 107 13.44 -55.28 -6.14
CA ARG A 107 13.49 -53.88 -6.52
C ARG A 107 13.42 -52.97 -5.28
N ASP A 108 12.50 -53.24 -4.36
CA ASP A 108 12.36 -52.44 -3.15
C ASP A 108 13.55 -52.58 -2.22
N GLN A 109 14.11 -53.79 -2.13
CA GLN A 109 15.31 -53.99 -1.32
C GLN A 109 16.49 -53.20 -1.86
N GLY A 110 16.68 -53.21 -3.17
CA GLY A 110 17.70 -52.39 -3.78
C GLY A 110 17.48 -50.90 -3.64
N TRP A 111 16.22 -50.47 -3.75
CA TRP A 111 15.86 -49.06 -3.56
C TRP A 111 16.14 -48.59 -2.14
N TYR A 112 15.86 -49.42 -1.15
CA TYR A 112 16.11 -49.03 0.23
C TYR A 112 17.59 -49.06 0.57
N ILE A 113 18.37 -49.95 -0.05
CA ILE A 113 19.83 -49.87 0.09
C ILE A 113 20.39 -48.59 -0.53
N ARG A 114 19.84 -48.17 -1.68
CA ARG A 114 20.22 -46.90 -2.29
C ARG A 114 19.87 -45.70 -1.40
N LEU A 115 18.72 -45.75 -0.74
CA LEU A 115 18.35 -44.68 0.18
C LEU A 115 19.19 -44.68 1.44
N VAL A 116 19.68 -45.84 1.87
CA VAL A 116 20.65 -45.89 2.97
C VAL A 116 21.98 -45.26 2.56
N SER A 117 22.43 -45.51 1.33
CA SER A 117 23.69 -44.95 0.86
C SER A 117 23.63 -43.44 0.70
N TYR A 118 22.47 -42.91 0.29
CA TYR A 118 22.25 -41.47 0.25
C TYR A 118 22.36 -40.85 1.64
N CYS A 119 21.90 -41.55 2.67
CA CYS A 119 21.99 -41.02 4.03
C CYS A 119 23.39 -41.11 4.59
N ILE A 120 24.15 -42.14 4.18
CA ILE A 120 25.57 -42.21 4.53
C ILE A 120 26.32 -41.02 3.94
N LEU A 121 26.04 -40.69 2.69
CA LEU A 121 26.63 -39.51 2.07
C LEU A 121 26.15 -38.19 2.66
N ALA A 122 24.86 -38.10 3.02
CA ALA A 122 24.30 -36.82 3.43
C ALA A 122 24.57 -36.52 4.89
N GLY A 123 24.84 -37.53 5.71
CA GLY A 123 25.10 -37.30 7.11
C GLY A 123 23.88 -37.19 7.96
N ASN A 124 22.71 -37.50 7.42
CA ASN A 124 21.46 -37.49 8.16
C ASN A 124 20.47 -38.40 7.45
N ASP A 125 19.40 -38.75 8.14
CA ASP A 125 18.44 -39.72 7.62
C ASP A 125 17.33 -39.08 6.80
N LYS A 126 17.55 -37.85 6.38
CA LYS A 126 16.58 -37.11 5.58
C LYS A 126 16.43 -37.59 4.13
N PRO A 127 17.44 -38.19 3.46
CA PRO A 127 17.09 -38.95 2.26
C PRO A 127 16.22 -40.16 2.51
N LEU A 128 16.33 -40.79 3.68
CA LEU A 128 15.45 -41.92 3.96
C LEU A 128 14.05 -41.47 4.36
N GLU A 129 13.90 -40.38 5.11
CA GLU A 129 12.56 -39.90 5.45
C GLU A 129 11.81 -39.31 4.28
N ASP A 130 12.45 -38.44 3.50
CA ASP A 130 11.75 -37.75 2.42
C ASP A 130 11.43 -38.68 1.25
N ILE A 131 12.33 -39.60 0.94
CA ILE A 131 12.07 -40.49 -0.19
C ILE A 131 11.41 -41.78 0.28
N GLY A 132 11.90 -42.38 1.34
CA GLY A 132 11.47 -43.73 1.64
C GLY A 132 10.35 -43.93 2.61
N LEU A 133 10.24 -43.09 3.64
CA LEU A 133 9.36 -43.38 4.76
C LEU A 133 8.14 -42.47 4.82
N ASN A 134 8.13 -41.36 4.11
CA ASN A 134 6.99 -40.46 4.04
C ASN A 134 5.92 -41.14 3.20
N GLY A 135 4.83 -41.54 3.84
CA GLY A 135 3.73 -42.15 3.13
C GLY A 135 3.97 -43.59 2.73
N MET A 136 4.99 -44.22 3.29
CA MET A 136 5.32 -45.61 3.01
C MET A 136 4.28 -46.58 3.54
N ARG A 137 3.77 -46.31 4.75
CA ARG A 137 2.80 -47.20 5.37
C ARG A 137 1.51 -47.25 4.61
N GLU A 138 0.99 -46.11 4.15
CA GLU A 138 -0.24 -46.10 3.36
C GLU A 138 -0.08 -46.86 2.05
N MET A 139 1.08 -46.72 1.39
CA MET A 139 1.38 -47.41 0.14
C MET A 139 1.43 -48.92 0.32
N TYR A 140 2.16 -49.39 1.33
CA TYR A 140 2.25 -50.83 1.61
C TYR A 140 0.98 -51.45 2.16
N ILE A 141 0.18 -50.73 2.95
CA ILE A 141 -1.11 -51.29 3.36
C ILE A 141 -2.07 -51.37 2.18
N SER A 142 -2.02 -50.41 1.25
CA SER A 142 -2.86 -50.52 0.06
C SER A 142 -2.39 -51.62 -0.87
N LEU A 143 -1.08 -51.83 -0.95
CA LEU A 143 -0.54 -52.85 -1.85
C LEU A 143 -0.83 -54.26 -1.32
N GLY A 144 -0.95 -54.40 -0.01
CA GLY A 144 -1.21 -55.69 0.57
C GLY A 144 0.05 -56.37 1.06
N VAL A 145 1.15 -55.63 1.07
CA VAL A 145 2.42 -56.13 1.61
C VAL A 145 2.37 -55.99 3.11
N PRO A 146 2.53 -57.08 3.88
CA PRO A 146 2.45 -56.98 5.34
C PRO A 146 3.68 -56.29 5.91
N LEU A 147 3.49 -55.63 7.03
CA LEU A 147 4.54 -54.89 7.71
C LEU A 147 5.48 -55.73 8.58
N PRO A 148 5.07 -56.81 9.27
CA PRO A 148 6.09 -57.73 9.81
C PRO A 148 6.96 -58.41 8.75
N ASN A 149 6.44 -58.56 7.54
CA ASN A 149 7.24 -59.11 6.47
C ASN A 149 8.37 -58.15 6.10
N LEU A 150 8.08 -56.86 6.11
CA LEU A 150 9.09 -55.83 5.86
C LEU A 150 10.02 -55.58 7.04
N ARG A 151 9.52 -55.66 8.30
CA ARG A 151 10.32 -55.83 9.52
C ARG A 151 11.45 -56.82 9.29
N VAL A 152 11.11 -58.08 9.01
CA VAL A 152 12.12 -59.12 8.90
C VAL A 152 12.93 -59.01 7.62
N ALA A 153 12.36 -58.44 6.54
CA ALA A 153 13.12 -58.27 5.30
C ALA A 153 14.25 -57.26 5.46
N MET A 154 13.96 -56.10 6.07
CA MET A 154 15.02 -55.14 6.29
C MET A 154 15.97 -55.54 7.42
N SER A 155 15.52 -56.37 8.37
CA SER A 155 16.46 -56.92 9.35
C SER A 155 17.46 -57.87 8.70
N CYS A 156 16.99 -58.77 7.82
CA CYS A 156 17.90 -59.65 7.09
C CYS A 156 18.82 -58.87 6.14
N LEU A 157 18.29 -57.81 5.54
CA LEU A 157 19.11 -56.97 4.66
C LEU A 157 20.21 -56.24 5.46
N LYS A 158 19.89 -55.78 6.68
CA LYS A 158 20.89 -55.21 7.56
C LYS A 158 21.96 -56.21 7.95
N GLU A 159 21.56 -57.44 8.28
CA GLU A 159 22.52 -58.47 8.69
C GLU A 159 23.47 -58.86 7.56
N VAL A 160 22.93 -59.00 6.34
CA VAL A 160 23.79 -59.26 5.17
C VAL A 160 24.74 -58.10 4.91
N ALA A 161 24.24 -56.86 4.95
CA ALA A 161 25.11 -55.71 4.69
C ALA A 161 26.14 -55.51 5.80
N ALA A 162 25.83 -55.94 7.03
CA ALA A 162 26.84 -55.96 8.09
C ALA A 162 27.93 -56.97 7.78
N GLY A 163 27.54 -58.13 7.25
CA GLY A 163 28.53 -59.08 6.75
C GLY A 163 29.33 -58.59 5.55
N ILE A 164 28.79 -57.65 4.78
CA ILE A 164 29.49 -57.14 3.60
C ILE A 164 30.44 -55.98 3.91
N LEU A 165 29.99 -54.97 4.67
CA LEU A 165 30.65 -53.67 4.59
C LEU A 165 31.98 -53.61 5.32
N SER A 166 31.93 -53.51 6.66
CA SER A 166 33.08 -53.63 7.56
C SER A 166 32.53 -53.67 8.97
N SER A 167 33.41 -53.51 9.96
CA SER A 167 33.00 -53.13 11.29
C SER A 167 32.63 -51.64 11.36
N GLU A 168 33.39 -50.78 10.67
CA GLU A 168 33.25 -49.35 10.91
C GLU A 168 32.51 -48.60 9.80
N GLU A 169 32.49 -49.12 8.57
CA GLU A 169 31.54 -48.60 7.59
C GLU A 169 30.11 -48.94 7.98
N MET A 170 29.91 -50.12 8.58
CA MET A 170 28.61 -50.49 9.10
C MET A 170 28.25 -49.69 10.34
N ALA A 171 29.23 -49.15 11.05
CA ALA A 171 28.96 -48.23 12.15
C ALA A 171 28.32 -46.93 11.67
N LEU A 172 28.56 -46.57 10.41
CA LEU A 172 27.85 -45.47 9.76
C LEU A 172 26.46 -45.91 9.27
N ALA A 173 26.37 -47.08 8.63
CA ALA A 173 25.13 -47.49 7.99
C ALA A 173 24.06 -47.94 8.99
N ALA A 174 24.45 -48.55 10.10
CA ALA A 174 23.53 -49.14 11.07
C ALA A 174 22.54 -48.19 11.76
N PRO A 175 22.86 -46.90 12.02
CA PRO A 175 21.76 -45.97 12.35
C PRO A 175 20.70 -45.84 11.27
N TYR A 176 21.10 -45.81 9.99
CA TYR A 176 20.12 -45.66 8.92
C TYR A 176 19.37 -46.96 8.65
N PHE A 177 20.05 -48.10 8.76
CA PHE A 177 19.34 -49.38 8.67
C PHE A 177 18.38 -49.57 9.83
N ASP A 178 18.77 -49.16 11.04
CA ASP A 178 17.88 -49.19 12.19
C ASP A 178 16.69 -48.26 12.02
N ARG A 179 16.93 -47.07 11.46
CA ARG A 179 15.87 -46.12 11.17
C ARG A 179 14.87 -46.67 10.16
N LEU A 180 15.39 -47.33 9.12
CA LEU A 180 14.53 -47.99 8.15
C LEU A 180 13.74 -49.12 8.77
N ILE A 181 14.38 -49.93 9.62
CA ILE A 181 13.73 -51.06 10.26
C ILE A 181 12.63 -50.58 11.19
N ARG A 182 12.89 -49.54 12.00
CA ARG A 182 11.95 -48.99 12.96
C ARG A 182 10.74 -48.33 12.32
N ALA A 183 10.76 -48.05 11.02
CA ALA A 183 9.61 -47.40 10.39
C ALA A 183 8.54 -48.41 9.98
N PHE A 184 8.81 -49.69 10.15
CA PHE A 184 7.83 -50.71 9.78
C PHE A 184 7.08 -51.18 11.01
N MET B 1 19.44 -21.98 -2.36
CA MET B 1 20.59 -22.71 -1.83
C MET B 1 20.56 -24.20 -2.12
N LYS B 2 21.58 -24.63 -2.84
CA LYS B 2 21.92 -26.04 -2.95
C LYS B 2 23.40 -26.17 -2.67
N ASP B 3 23.76 -27.10 -1.78
CA ASP B 3 25.18 -27.30 -1.51
C ASP B 3 25.75 -28.41 -2.39
N THR B 4 26.99 -28.83 -2.13
CA THR B 4 27.64 -29.83 -2.97
C THR B 4 27.06 -31.22 -2.77
N ILE B 5 26.70 -31.60 -1.54
CA ILE B 5 26.18 -32.95 -1.31
C ILE B 5 24.78 -33.10 -1.89
N THR B 6 23.92 -32.10 -1.71
CA THR B 6 22.57 -32.17 -2.25
C THR B 6 22.55 -32.11 -3.76
N SER B 7 23.43 -31.30 -4.37
CA SER B 7 23.51 -31.18 -5.82
C SER B 7 23.99 -32.44 -6.52
N LEU B 8 24.53 -33.41 -5.78
CA LEU B 8 24.85 -34.72 -6.29
C LEU B 8 23.84 -35.78 -5.89
N ILE B 9 23.31 -35.72 -4.67
CA ILE B 9 22.36 -36.73 -4.21
C ILE B 9 21.02 -36.59 -4.92
N ASN B 10 20.56 -35.35 -5.14
CA ASN B 10 19.29 -35.09 -5.81
C ASN B 10 19.19 -35.60 -7.26
N PRO B 11 20.17 -35.39 -8.16
CA PRO B 11 20.01 -35.96 -9.50
C PRO B 11 20.12 -37.47 -9.54
N ALA B 12 20.84 -38.05 -8.58
CA ALA B 12 20.84 -39.51 -8.44
C ALA B 12 19.48 -40.02 -7.99
N ASP B 13 18.74 -39.22 -7.22
CA ASP B 13 17.41 -39.65 -6.79
C ASP B 13 16.40 -39.47 -7.90
N GLU B 14 16.52 -38.40 -8.70
CA GLU B 14 15.67 -38.26 -9.88
C GLU B 14 15.94 -39.36 -10.90
N LYS B 15 17.20 -39.74 -11.07
CA LYS B 15 17.51 -40.87 -11.93
C LYS B 15 17.15 -42.19 -11.26
N GLY B 16 17.07 -42.20 -9.93
CA GLY B 16 16.85 -43.43 -9.21
C GLY B 16 18.06 -44.32 -9.11
N SER B 17 19.24 -43.78 -9.35
CA SER B 17 20.47 -44.56 -9.39
C SER B 17 21.33 -44.18 -8.20
N TYR B 18 22.41 -44.94 -8.03
CA TYR B 18 23.41 -44.55 -7.07
C TYR B 18 24.23 -43.38 -7.58
N LEU B 19 25.04 -42.83 -6.68
CA LEU B 19 26.02 -41.85 -7.10
C LEU B 19 27.08 -42.54 -7.95
N ASP B 20 27.11 -42.18 -9.23
CA ASP B 20 28.11 -42.73 -10.14
C ASP B 20 29.50 -42.17 -9.84
N ALA B 21 30.50 -42.76 -10.50
CA ALA B 21 31.90 -42.61 -10.09
C ALA B 21 32.42 -41.19 -10.26
N ALA B 22 31.92 -40.46 -11.24
CA ALA B 22 32.32 -39.06 -11.41
C ALA B 22 31.77 -38.18 -10.31
N ALA B 23 30.48 -38.33 -10.00
CA ALA B 23 29.86 -37.51 -8.97
C ALA B 23 30.35 -37.92 -7.59
N LEU B 24 30.55 -39.22 -7.39
CA LEU B 24 31.06 -39.69 -6.11
C LEU B 24 32.53 -39.33 -5.94
N GLU B 25 33.26 -39.24 -7.04
CA GLU B 25 34.63 -38.73 -7.01
C GLU B 25 34.71 -37.25 -6.70
N GLN B 26 33.83 -36.44 -7.28
CA GLN B 26 33.88 -35.00 -6.98
C GLN B 26 33.31 -34.71 -5.60
N LEU B 27 32.44 -35.57 -5.09
CA LEU B 27 32.04 -35.52 -3.70
C LEU B 27 33.15 -35.94 -2.75
N ASN B 28 34.00 -36.90 -3.15
CA ASN B 28 35.09 -37.37 -2.29
C ASN B 28 36.11 -36.28 -2.03
N ARG B 29 36.45 -35.50 -3.05
CA ARG B 29 37.42 -34.43 -2.85
C ARG B 29 36.81 -33.24 -2.11
N TYR B 30 35.48 -33.12 -2.11
CA TYR B 30 34.82 -32.20 -1.20
C TYR B 30 34.89 -32.70 0.23
N PHE B 31 34.87 -34.01 0.43
CA PHE B 31 34.89 -34.58 1.76
C PHE B 31 36.29 -34.54 2.38
N GLN B 32 37.32 -34.33 1.58
CA GLN B 32 38.66 -34.11 2.13
C GLN B 32 39.09 -32.67 1.93
N SER B 33 38.25 -31.82 1.34
CA SER B 33 38.33 -30.42 1.71
C SER B 33 37.93 -30.37 3.17
N GLY B 34 36.64 -30.50 3.43
CA GLY B 34 36.15 -30.99 4.69
C GLY B 34 36.50 -30.27 5.98
N ASN B 35 37.43 -30.89 6.71
CA ASN B 35 37.84 -30.43 8.03
C ASN B 35 38.48 -29.04 7.99
N MET B 36 39.12 -28.69 6.88
CA MET B 36 39.67 -27.35 6.77
C MET B 36 38.60 -26.30 6.54
N ARG B 37 37.54 -26.62 5.79
CA ARG B 37 36.41 -25.70 5.63
C ARG B 37 35.71 -25.47 6.96
N VAL B 38 35.57 -26.52 7.76
CA VAL B 38 34.98 -26.38 9.08
C VAL B 38 35.91 -25.62 10.03
N LYS B 39 37.23 -25.82 9.89
CA LYS B 39 38.19 -25.05 10.69
C LYS B 39 38.16 -23.56 10.35
N ALA B 40 38.08 -23.24 9.05
CA ALA B 40 37.91 -21.86 8.61
C ALA B 40 36.58 -21.26 9.04
N ALA B 41 35.49 -22.03 8.98
CA ALA B 41 34.20 -21.56 9.47
C ALA B 41 34.19 -21.38 10.97
N LYS B 42 34.97 -22.17 11.71
CA LYS B 42 35.09 -21.96 13.16
C LYS B 42 35.88 -20.70 13.47
N THR B 43 36.98 -20.47 12.74
CA THR B 43 37.80 -19.29 12.94
C THR B 43 37.04 -18.01 12.61
N ILE B 44 36.28 -18.02 11.51
CA ILE B 44 35.48 -16.86 11.13
C ILE B 44 34.32 -16.62 12.09
N SER B 45 33.62 -17.66 12.55
CA SER B 45 32.46 -17.48 13.41
C SER B 45 32.78 -16.92 14.77
N SER B 46 33.96 -17.16 15.30
CA SER B 46 34.38 -16.56 16.57
C SER B 46 34.93 -15.16 16.42
N SER B 47 35.68 -14.90 15.35
CA SER B 47 36.35 -13.63 15.15
C SER B 47 35.77 -12.82 14.01
N ALA B 48 34.44 -12.80 13.87
CA ALA B 48 33.82 -12.12 12.74
C ALA B 48 33.86 -10.62 12.90
N SER B 49 33.62 -10.13 14.13
CA SER B 49 33.67 -8.71 14.41
C SER B 49 35.08 -8.17 14.23
N SER B 50 36.08 -8.94 14.65
CA SER B 50 37.48 -8.56 14.46
C SER B 50 37.85 -8.50 12.99
N ILE B 51 37.35 -9.45 12.18
CA ILE B 51 37.60 -9.45 10.75
C ILE B 51 36.97 -8.24 10.08
N ILE B 52 35.73 -7.89 10.47
CA ILE B 52 35.06 -6.72 9.90
C ILE B 52 35.74 -5.43 10.35
N SER B 53 36.19 -5.36 11.61
CA SER B 53 36.91 -4.20 12.12
C SER B 53 38.22 -3.96 11.39
N LYS B 54 38.98 -5.03 11.15
CA LYS B 54 40.21 -4.93 10.38
C LYS B 54 39.96 -4.62 8.91
N THR B 55 38.86 -5.12 8.35
CA THR B 55 38.49 -4.83 6.97
C THR B 55 38.16 -3.35 6.77
N VAL B 56 37.38 -2.76 7.69
CA VAL B 56 37.08 -1.34 7.62
C VAL B 56 38.32 -0.49 7.92
N ALA B 57 39.16 -0.91 8.86
CA ALA B 57 40.28 -0.11 9.30
C ALA B 57 41.41 0.00 8.28
N LYS B 58 41.35 -0.77 7.20
CA LYS B 58 42.41 -0.71 6.20
C LYS B 58 41.89 -0.40 4.80
N SER B 59 40.59 -0.20 4.64
CA SER B 59 40.08 0.16 3.31
C SER B 59 39.15 1.36 3.32
N LEU B 60 38.43 1.57 4.40
CA LEU B 60 37.40 2.59 4.44
C LEU B 60 37.70 3.73 5.37
N LEU B 61 38.41 3.52 6.46
CA LEU B 61 38.59 4.58 7.42
C LEU B 61 39.67 5.58 6.99
N TYR B 62 39.70 6.67 7.74
CA TYR B 62 40.71 7.73 7.79
C TYR B 62 40.77 8.47 6.46
N GLY B 63 39.59 8.71 5.90
CA GLY B 63 39.47 9.38 4.64
C GLY B 63 38.21 10.23 4.61
N ASP B 64 37.76 10.52 3.40
CA ASP B 64 36.63 11.43 3.21
C ASP B 64 35.29 10.71 3.18
N ILE B 65 35.27 9.38 3.20
CA ILE B 65 34.01 8.67 3.15
C ILE B 65 33.31 8.68 4.50
N THR B 66 34.03 8.89 5.59
CA THR B 66 33.47 8.93 6.93
C THR B 66 33.30 10.35 7.46
N LEU B 67 33.74 11.32 6.70
CA LEU B 67 33.59 12.75 6.91
C LEU B 67 32.28 13.21 6.29
N PRO B 68 31.74 14.39 6.68
CA PRO B 68 30.42 14.80 6.16
C PRO B 68 30.36 15.03 4.66
N GLY B 69 29.39 14.39 4.03
CA GLY B 69 29.32 14.35 2.59
C GLY B 69 29.68 12.97 2.08
N GLY B 70 30.37 12.20 2.91
CA GLY B 70 30.70 10.82 2.58
C GLY B 70 29.51 9.91 2.80
N MEN B 71 29.62 8.67 2.37
CA MEN B 71 28.50 7.78 2.42
C MEN B 71 28.60 6.87 3.64
O MEN B 71 27.84 5.95 3.89
CB MEN B 71 28.37 6.93 1.14
CG MEN B 71 26.99 6.30 0.98
OD1 MEN B 71 26.86 5.08 1.16
ND2 MEN B 71 25.91 7.08 0.68
CE2 MEN B 71 24.61 6.53 0.55
N MET B 72 29.59 7.15 4.47
CA MET B 72 29.70 6.46 5.73
C MET B 72 29.56 7.47 6.85
N TYR B 73 28.91 8.59 6.51
CA TYR B 73 28.53 9.63 7.43
C TYR B 73 27.03 9.82 7.27
N PRO B 74 26.27 9.92 8.36
CA PRO B 74 26.61 9.87 9.78
C PRO B 74 26.72 8.44 10.32
N THR B 75 26.49 8.25 11.62
CA THR B 75 26.69 6.95 12.25
C THR B 75 25.75 5.89 11.72
N ARG B 76 24.57 6.29 11.24
CA ARG B 76 23.60 5.37 10.69
C ARG B 76 24.12 4.72 9.41
N ARG B 77 24.79 5.51 8.58
CA ARG B 77 25.39 5.00 7.35
C ARG B 77 26.61 4.14 7.63
N TYR B 78 27.41 4.49 8.65
CA TYR B 78 28.48 3.62 9.11
C TYR B 78 27.97 2.27 9.59
N ALA B 79 26.89 2.28 10.39
CA ALA B 79 26.31 1.05 10.89
C ALA B 79 25.74 0.19 9.77
N ALA B 80 25.14 0.83 8.76
CA ALA B 80 24.64 0.11 7.61
C ALA B 80 25.76 -0.54 6.81
N CYS B 81 26.87 0.17 6.62
CA CYS B 81 28.05 -0.41 5.95
C CYS B 81 28.63 -1.57 6.73
N LEU B 82 28.65 -1.43 8.05
CA LEU B 82 29.19 -2.47 8.92
C LEU B 82 28.35 -3.73 8.88
N ARG B 83 27.02 -3.60 8.90
CA ARG B 83 26.21 -4.81 8.80
C ARG B 83 26.17 -5.36 7.38
N ASP B 84 26.40 -4.53 6.35
CA ASP B 84 26.58 -5.03 4.99
C ASP B 84 27.80 -5.91 4.86
N LEU B 85 28.92 -5.46 5.42
CA LEU B 85 30.15 -6.25 5.36
C LEU B 85 30.02 -7.52 6.20
N THR B 86 29.27 -7.45 7.29
CA THR B 86 28.98 -8.65 8.06
C THR B 86 28.11 -9.64 7.28
N TYR B 87 27.13 -9.16 6.50
CA TYR B 87 26.38 -10.00 5.58
C TYR B 87 27.28 -10.66 4.56
N PHE B 88 28.20 -9.89 3.97
CA PHE B 88 29.10 -10.42 2.95
C PHE B 88 30.00 -11.50 3.51
N LEU B 89 30.56 -11.26 4.70
CA LEU B 89 31.41 -12.27 5.36
C LEU B 89 30.62 -13.52 5.74
N ARG B 90 29.39 -13.36 6.26
CA ARG B 90 28.61 -14.50 6.70
C ARG B 90 28.14 -15.35 5.52
N TYR B 91 27.70 -14.71 4.45
CA TYR B 91 27.25 -15.49 3.31
C TYR B 91 28.39 -16.05 2.48
N ALA B 92 29.57 -15.40 2.47
CA ALA B 92 30.74 -16.04 1.90
C ALA B 92 31.20 -17.23 2.72
N THR B 93 31.09 -17.18 4.06
CA THR B 93 31.41 -18.33 4.89
C THR B 93 30.43 -19.47 4.68
N TYR B 94 29.14 -19.15 4.50
CA TYR B 94 28.15 -20.17 4.15
C TYR B 94 28.44 -20.81 2.81
N ALA B 95 28.79 -20.00 1.81
CA ALA B 95 29.07 -20.52 0.48
C ALA B 95 30.39 -21.28 0.44
N MET B 96 31.33 -20.95 1.32
CA MET B 96 32.57 -21.69 1.43
C MET B 96 32.36 -23.03 2.10
N LEU B 97 31.55 -23.05 3.16
CA LEU B 97 31.29 -24.30 3.87
C LEU B 97 30.46 -25.25 3.02
N ALA B 98 29.58 -24.70 2.19
CA ALA B 98 28.78 -25.47 1.26
C ALA B 98 29.51 -25.82 -0.02
N ALA B 99 30.65 -25.16 -0.28
CA ALA B 99 31.41 -25.20 -1.53
C ALA B 99 30.54 -24.88 -2.74
N ASP B 100 29.66 -23.91 -2.58
CA ASP B 100 28.73 -23.63 -3.66
C ASP B 100 28.28 -22.18 -3.57
N PRO B 101 28.42 -21.40 -4.63
CA PRO B 101 28.04 -19.99 -4.57
C PRO B 101 26.57 -19.70 -4.81
N SER B 102 25.69 -20.70 -4.69
CA SER B 102 24.27 -20.46 -4.94
C SER B 102 23.62 -19.65 -3.84
N ILE B 103 24.10 -19.77 -2.59
CA ILE B 103 23.56 -18.96 -1.50
C ILE B 103 24.00 -17.50 -1.60
N LEU B 104 25.01 -17.21 -2.40
CA LEU B 104 25.46 -15.85 -2.67
C LEU B 104 24.61 -15.16 -3.71
N ASP B 105 23.83 -15.90 -4.44
CA ASP B 105 23.10 -15.33 -5.56
C ASP B 105 21.64 -15.12 -5.24
N GLU B 106 21.02 -16.00 -4.47
CA GLU B 106 19.63 -15.85 -4.10
C GLU B 106 19.44 -15.23 -2.71
N ARG B 107 20.51 -14.97 -1.98
CA ARG B 107 20.42 -14.17 -0.76
C ARG B 107 21.16 -12.85 -0.79
N VAL B 108 22.17 -12.68 -1.63
CA VAL B 108 23.01 -11.49 -1.52
C VAL B 108 22.98 -10.71 -2.81
N LEU B 109 23.35 -11.35 -3.92
CA LEU B 109 23.60 -10.65 -5.18
C LEU B 109 22.34 -10.67 -6.03
N GLN B 110 21.26 -10.09 -5.53
CA GLN B 110 20.05 -10.04 -6.33
C GLN B 110 19.35 -8.70 -6.12
N GLY B 111 19.53 -7.80 -7.08
CA GLY B 111 19.11 -6.43 -6.94
C GLY B 111 20.08 -5.57 -6.15
N LEU B 112 21.21 -6.12 -5.74
CA LEU B 112 22.14 -5.40 -4.86
C LEU B 112 22.83 -4.26 -5.60
N LYS B 113 23.21 -4.50 -6.86
CA LYS B 113 23.84 -3.48 -7.68
C LYS B 113 22.88 -2.32 -7.93
N GLU B 114 21.62 -2.64 -8.23
CA GLU B 114 20.61 -1.61 -8.44
C GLU B 114 20.29 -0.89 -7.14
N THR B 115 20.29 -1.61 -6.02
CA THR B 115 20.10 -1.01 -4.69
C THR B 115 21.19 0.01 -4.39
N TYR B 116 22.44 -0.34 -4.68
CA TYR B 116 23.56 0.54 -4.39
C TYR B 116 23.60 1.73 -5.34
N ILE B 117 23.21 1.53 -6.60
CA ILE B 117 23.17 2.63 -7.57
C ILE B 117 22.04 3.61 -7.23
N THR B 118 20.88 3.08 -6.81
CA THR B 118 19.79 3.94 -6.37
C THR B 118 20.14 4.69 -5.10
N LEU B 119 20.80 4.02 -4.16
CA LEU B 119 21.10 4.61 -2.87
C LEU B 119 22.27 5.59 -2.94
N GLY B 120 23.09 5.48 -3.97
CA GLY B 120 24.29 6.28 -4.06
C GLY B 120 25.49 5.69 -3.38
N VAL B 121 25.43 4.41 -3.01
CA VAL B 121 26.52 3.73 -2.33
C VAL B 121 27.66 3.52 -3.33
N PRO B 122 28.88 3.96 -3.01
CA PRO B 122 30.00 3.76 -3.95
C PRO B 122 30.42 2.30 -4.06
N ILE B 123 30.06 1.67 -5.19
CA ILE B 123 30.29 0.25 -5.41
C ILE B 123 31.79 -0.06 -5.52
N ASP B 124 32.58 0.90 -6.01
CA ASP B 124 34.03 0.71 -6.08
C ASP B 124 34.66 0.64 -4.70
N ARG B 125 34.12 1.42 -3.75
CA ARG B 125 34.59 1.37 -2.37
C ARG B 125 34.16 0.07 -1.69
N VAL B 126 32.98 -0.44 -2.02
CA VAL B 126 32.53 -1.75 -1.52
C VAL B 126 33.44 -2.86 -2.04
N ILE B 127 33.79 -2.80 -3.32
CA ILE B 127 34.68 -3.79 -3.93
C ILE B 127 36.08 -3.70 -3.34
N GLN B 128 36.53 -2.48 -3.03
CA GLN B 128 37.84 -2.29 -2.40
C GLN B 128 37.85 -2.78 -0.96
N ALA B 129 36.73 -2.63 -0.24
CA ALA B 129 36.60 -3.21 1.10
C ALA B 129 36.54 -4.73 1.06
N LEU B 130 35.91 -5.31 0.05
CA LEU B 130 35.92 -6.77 -0.10
C LEU B 130 37.31 -7.29 -0.46
N ASN B 131 38.06 -6.53 -1.27
CA ASN B 131 39.46 -6.85 -1.54
C ASN B 131 40.31 -6.80 -0.28
N ALA B 132 40.04 -5.83 0.61
CA ALA B 132 40.75 -5.80 1.89
C ALA B 132 40.29 -6.91 2.84
N MET B 133 39.03 -7.33 2.73
CA MET B 133 38.52 -8.45 3.50
C MET B 133 39.25 -9.73 3.15
N LYS B 134 39.56 -9.91 1.86
CA LYS B 134 40.37 -11.04 1.43
C LYS B 134 41.76 -11.03 2.05
N GLU B 135 42.38 -9.85 2.15
CA GLU B 135 43.70 -9.74 2.76
C GLU B 135 43.66 -9.96 4.27
N VAL B 136 42.58 -9.50 4.91
CA VAL B 136 42.37 -9.77 6.34
C VAL B 136 42.19 -11.26 6.59
N LEU B 137 41.40 -11.92 5.76
CA LEU B 137 41.19 -13.36 5.86
C LEU B 137 42.42 -14.17 5.52
N THR B 138 43.29 -13.66 4.66
CA THR B 138 44.55 -14.32 4.33
C THR B 138 45.49 -14.37 5.53
N GLU B 139 45.49 -13.34 6.36
CA GLU B 139 46.37 -13.26 7.51
C GLU B 139 45.82 -14.00 8.73
N SER B 140 44.56 -14.45 8.66
CA SER B 140 43.92 -15.08 9.80
C SER B 140 43.51 -16.52 9.58
N LEU B 141 43.28 -16.94 8.34
CA LEU B 141 42.89 -18.30 8.05
C LEU B 141 44.13 -19.11 7.65
N ASP B 142 43.94 -20.34 7.21
CA ASP B 142 45.01 -21.13 6.62
C ASP B 142 45.16 -20.75 5.16
N THR B 143 46.04 -21.46 4.45
CA THR B 143 46.43 -21.06 3.10
C THR B 143 45.35 -21.29 2.05
N GLU B 144 44.85 -22.51 1.92
CA GLU B 144 43.84 -22.79 0.90
C GLU B 144 42.44 -22.37 1.36
N ALA B 145 42.24 -22.24 2.68
CA ALA B 145 41.02 -21.67 3.23
C ALA B 145 40.84 -20.22 2.83
N SER B 146 41.93 -19.46 2.87
CA SER B 146 41.92 -18.08 2.39
C SER B 146 41.62 -18.02 0.90
N GLN B 147 42.13 -18.98 0.13
CA GLN B 147 41.89 -19.01 -1.30
C GLN B 147 40.44 -19.31 -1.63
N GLU B 148 39.82 -20.21 -0.87
CA GLU B 148 38.41 -20.50 -1.12
C GLU B 148 37.50 -19.36 -0.67
N MET B 149 37.83 -18.71 0.46
CA MET B 149 37.11 -17.50 0.82
C MET B 149 37.33 -16.38 -0.18
N ALA B 150 38.51 -16.33 -0.80
CA ALA B 150 38.78 -15.36 -1.86
C ALA B 150 37.91 -15.62 -3.07
N VAL B 151 37.71 -16.90 -3.44
CA VAL B 151 36.82 -17.26 -4.54
C VAL B 151 35.39 -16.83 -4.24
N TYR B 152 34.94 -17.07 -3.02
CA TYR B 152 33.55 -16.79 -2.71
C TYR B 152 33.33 -15.32 -2.40
N LEU B 153 34.39 -14.56 -2.16
CA LEU B 153 34.25 -13.11 -2.07
C LEU B 153 34.38 -12.44 -3.44
N ASP B 154 35.21 -13.01 -4.34
CA ASP B 154 35.23 -12.59 -5.73
C ASP B 154 33.91 -12.82 -6.44
N HIS B 155 33.15 -13.83 -6.05
CA HIS B 155 31.81 -13.99 -6.61
C HIS B 155 30.90 -12.82 -6.25
N ILE B 156 31.00 -12.31 -5.02
CA ILE B 156 30.26 -11.11 -4.64
C ILE B 156 30.78 -9.88 -5.37
N ILE B 157 32.11 -9.79 -5.53
CA ILE B 157 32.74 -8.67 -6.23
C ILE B 157 32.32 -8.65 -7.70
N ALA B 158 32.31 -9.81 -8.35
CA ALA B 158 31.90 -9.90 -9.74
C ALA B 158 30.40 -9.67 -9.90
N GLY B 159 29.62 -10.03 -8.88
CA GLY B 159 28.21 -9.69 -8.93
C GLY B 159 27.91 -8.23 -8.66
N LEU B 160 28.89 -7.47 -8.20
CA LEU B 160 28.69 -6.07 -7.83
C LEU B 160 29.29 -5.11 -8.82
N SER C 27 11.12 17.21 8.71
CA SER C 27 10.54 17.29 10.04
C SER C 27 11.61 17.13 11.11
N MET C 28 12.71 17.87 10.94
CA MET C 28 13.77 17.85 11.94
C MET C 28 13.53 18.87 13.05
N SER C 29 13.13 20.08 12.68
CA SER C 29 12.88 21.14 13.65
C SER C 29 11.53 20.93 14.34
N ILE C 30 11.32 21.68 15.42
CA ILE C 30 10.09 21.51 16.19
C ILE C 30 8.88 22.09 15.44
N VAL C 31 9.08 23.15 14.67
CA VAL C 31 8.00 23.79 13.92
C VAL C 31 7.49 22.86 12.83
N ALA C 32 8.41 22.21 12.12
CA ALA C 32 8.04 21.26 11.07
C ALA C 32 7.35 20.03 11.64
N GLN C 33 7.77 19.57 12.82
CA GLN C 33 7.06 18.43 13.44
C GLN C 33 5.67 18.81 13.90
N VAL C 34 5.51 20.02 14.44
CA VAL C 34 4.19 20.53 14.82
C VAL C 34 3.26 20.62 13.62
N ILE C 35 3.77 21.13 12.50
CA ILE C 35 2.99 21.23 11.27
C ILE C 35 2.70 19.85 10.69
N ALA C 36 3.63 18.90 10.81
CA ALA C 36 3.39 17.56 10.30
C ALA C 36 2.38 16.79 11.15
N GLN C 37 2.39 16.96 12.47
CA GLN C 37 1.35 16.38 13.30
C GLN C 37 -0.02 17.00 13.06
N SER C 38 -0.09 18.31 12.82
CA SER C 38 -1.37 18.92 12.52
C SER C 38 -1.89 18.59 11.13
N ASP C 39 -1.00 18.44 10.16
CA ASP C 39 -1.40 18.11 8.80
C ASP C 39 -1.87 16.67 8.67
N ALA C 40 -1.30 15.76 9.45
CA ALA C 40 -1.66 14.35 9.37
C ALA C 40 -3.06 14.11 9.88
N ALA C 41 -3.51 14.93 10.81
CA ALA C 41 -4.84 14.84 11.40
C ALA C 41 -5.87 15.74 10.73
N ASP C 42 -5.47 16.43 9.66
CA ASP C 42 -6.35 17.24 8.78
C ASP C 42 -7.06 18.36 9.54
N ARG C 43 -6.32 18.98 10.44
CA ARG C 43 -6.85 19.97 11.36
C ARG C 43 -5.82 21.05 11.62
N PHE C 44 -6.28 22.12 12.25
CA PHE C 44 -5.46 23.29 12.52
C PHE C 44 -4.57 23.05 13.73
N LEU C 45 -4.00 24.11 14.27
CA LEU C 45 -2.99 23.90 15.29
C LEU C 45 -3.66 23.83 16.66
N SER C 46 -3.53 22.69 17.34
CA SER C 46 -4.18 22.56 18.64
C SER C 46 -3.40 23.30 19.70
N SER C 47 -4.03 23.49 20.87
CA SER C 47 -3.49 24.35 21.91
C SER C 47 -2.22 23.79 22.53
N ALA C 48 -2.06 22.46 22.49
CA ALA C 48 -0.81 21.84 22.93
C ALA C 48 0.34 22.23 22.01
N GLU C 49 0.07 22.32 20.71
CA GLU C 49 1.11 22.67 19.76
C GLU C 49 1.43 24.15 19.80
N ILE C 50 0.42 25.00 20.04
CA ILE C 50 0.68 26.42 20.31
C ILE C 50 1.46 26.60 21.61
N ALA C 51 1.19 25.74 22.61
CA ALA C 51 1.95 25.80 23.85
C ALA C 51 3.41 25.40 23.65
N LYS C 52 3.65 24.37 22.82
CA LYS C 52 5.01 23.96 22.48
C LYS C 52 5.75 25.03 21.68
N LEU C 53 5.07 25.71 20.76
CA LEU C 53 5.76 26.72 19.97
C LEU C 53 5.91 28.03 20.72
N GLU C 54 5.08 28.27 21.72
CA GLU C 54 5.29 29.38 22.64
C GLU C 54 6.56 29.21 23.45
N ASP C 55 6.81 28.01 23.96
CA ASP C 55 8.01 27.77 24.75
C ASP C 55 9.26 27.69 23.89
N PHE C 56 9.13 27.41 22.60
CA PHE C 56 10.29 27.40 21.74
C PHE C 56 10.68 28.81 21.30
N PHE C 57 9.70 29.65 20.99
CA PHE C 57 10.00 30.95 20.41
C PHE C 57 10.20 32.04 21.44
N SER C 58 9.87 31.79 22.70
CA SER C 58 10.03 32.82 23.72
C SER C 58 11.49 33.00 24.08
N LYS C 59 12.24 31.92 24.09
CA LYS C 59 13.66 31.94 24.45
C LYS C 59 14.55 31.68 23.24
N GLY C 60 14.08 32.08 22.06
CA GLY C 60 14.82 31.91 20.82
C GLY C 60 15.98 32.86 20.62
N GLN C 61 16.05 33.93 21.40
CA GLN C 61 17.24 34.76 21.38
C GLN C 61 18.39 34.06 22.10
N VAL C 62 18.07 33.40 23.21
CA VAL C 62 19.00 32.56 23.95
C VAL C 62 19.50 31.41 23.08
N ARG C 63 18.66 30.87 22.20
CA ARG C 63 19.07 29.76 21.33
C ARG C 63 20.10 30.19 20.31
N ILE C 64 19.89 31.35 19.69
CA ILE C 64 20.86 31.94 18.77
C ILE C 64 22.15 32.25 19.47
N ARG C 65 22.07 32.84 20.67
CA ARG C 65 23.25 33.18 21.47
C ARG C 65 24.02 31.93 21.89
N ALA C 66 23.30 30.87 22.26
CA ALA C 66 23.95 29.65 22.71
C ALA C 66 24.63 28.91 21.56
N ALA C 67 23.97 28.85 20.40
CA ALA C 67 24.57 28.21 19.23
C ALA C 67 25.78 28.99 18.73
N GLN C 68 25.70 30.34 18.78
CA GLN C 68 26.83 31.18 18.39
C GLN C 68 27.98 31.03 19.37
N LYS C 69 27.69 30.88 20.65
CA LYS C 69 28.74 30.70 21.65
C LYS C 69 29.38 29.33 21.53
N LEU C 70 28.60 28.28 21.28
CA LEU C 70 29.15 26.95 21.11
C LEU C 70 29.98 26.84 19.84
N ALA C 71 29.59 27.55 18.78
CA ALA C 71 30.43 27.66 17.60
C ALA C 71 31.69 28.46 17.84
N GLU C 72 31.60 29.51 18.66
CA GLU C 72 32.66 30.50 18.79
C GLU C 72 33.87 29.95 19.53
N ASN C 73 33.65 29.20 20.59
CA ASN C 73 34.74 28.60 21.35
C ASN C 73 34.55 27.10 21.52
N GLU C 74 34.29 26.44 20.39
CA GLU C 74 34.31 24.99 20.27
C GLU C 74 35.60 24.39 20.79
N GLN C 75 36.72 24.91 20.27
CA GLN C 75 38.04 24.32 20.47
C GLN C 75 38.49 24.45 21.91
N LYS C 76 38.16 25.58 22.55
CA LYS C 76 38.44 25.78 23.97
C LYS C 76 37.75 24.73 24.82
N ILE C 77 36.47 24.46 24.52
CA ILE C 77 35.70 23.42 25.18
C ILE C 77 36.32 22.05 24.95
N VAL C 78 36.74 21.78 23.71
CA VAL C 78 37.21 20.44 23.34
C VAL C 78 38.54 20.11 24.03
N GLN C 79 39.52 21.02 24.00
CA GLN C 79 40.77 20.72 24.71
C GLN C 79 40.62 20.78 26.23
N GLU C 80 39.78 21.70 26.75
CA GLU C 80 39.62 21.75 28.19
C GLU C 80 38.83 20.56 28.71
N GLY C 81 37.94 19.98 27.90
CA GLY C 81 37.28 18.75 28.29
C GLY C 81 38.14 17.52 28.07
N SER C 82 39.01 17.54 27.07
CA SER C 82 39.92 16.44 26.82
C SER C 82 40.92 16.29 27.95
N LYS C 83 41.37 17.41 28.51
CA LYS C 83 42.28 17.37 29.66
C LYS C 83 41.61 16.76 30.88
N ARG C 84 40.37 17.15 31.16
CA ARG C 84 39.65 16.60 32.32
C ARG C 84 39.30 15.14 32.11
N PHE C 85 39.02 14.77 30.86
CA PHE C 85 38.69 13.39 30.51
C PHE C 85 39.91 12.48 30.58
N TRP C 86 41.08 12.98 30.18
CA TRP C 86 42.30 12.20 30.32
C TRP C 86 42.77 12.15 31.77
N ALA C 87 42.40 13.14 32.58
CA ALA C 87 42.63 12.99 34.02
C ALA C 87 41.69 11.95 34.63
N LYS C 88 40.40 12.00 34.30
CA LYS C 88 39.43 11.07 34.86
C LYS C 88 39.48 9.68 34.23
N CYS C 89 40.01 9.55 33.02
CA CYS C 89 40.15 8.25 32.36
C CYS C 89 41.41 8.26 31.52
N PRO C 90 42.52 7.75 32.05
CA PRO C 90 43.77 7.70 31.28
C PRO C 90 43.92 6.47 30.39
N ASN C 91 42.98 5.52 30.44
CA ASN C 91 43.10 4.24 29.75
C ASN C 91 42.35 4.26 28.42
N THR C 92 42.45 5.37 27.71
CA THR C 92 41.69 5.59 26.49
C THR C 92 42.52 5.20 25.28
N PRO C 93 41.87 4.94 24.14
CA PRO C 93 42.60 4.91 22.87
C PRO C 93 43.25 6.24 22.51
N SER C 94 42.75 7.37 23.02
CA SER C 94 43.39 8.66 22.81
C SER C 94 44.73 8.73 23.52
N ASN C 95 44.81 8.25 24.76
CA ASN C 95 46.04 8.26 25.55
C ASN C 95 46.84 6.99 25.27
N LYS C 96 47.25 6.84 24.01
CA LYS C 96 48.13 5.72 23.67
C LYS C 96 49.34 6.20 22.86
N GLY C 97 49.64 7.49 22.91
CA GLY C 97 50.85 7.98 22.29
C GLY C 97 50.67 8.53 20.89
N ASN C 98 50.07 7.75 19.99
CA ASN C 98 49.97 8.20 18.61
C ASN C 98 48.93 9.32 18.48
N PRO C 99 49.23 10.38 17.75
CA PRO C 99 48.41 11.59 17.82
C PRO C 99 47.18 11.53 16.94
N GLN C 100 46.96 10.44 16.22
CA GLN C 100 45.95 10.48 15.18
C GLN C 100 44.63 9.91 15.69
N LYS C 101 44.68 8.93 16.59
CA LYS C 101 43.51 8.57 17.38
C LYS C 101 43.08 9.69 18.31
N THR C 102 44.04 10.41 18.88
CA THR C 102 43.76 11.60 19.68
C THR C 102 43.05 12.68 18.87
N ALA C 103 43.50 12.92 17.64
CA ALA C 103 42.85 13.85 16.74
C ALA C 103 41.46 13.40 16.34
N LEU C 104 41.24 12.09 16.16
CA LEU C 104 39.90 11.60 15.86
C LEU C 104 38.96 11.75 17.06
N CYS C 105 39.49 11.61 18.28
CA CYS C 105 38.69 11.88 19.47
C CYS C 105 38.31 13.34 19.61
N GLN C 106 39.27 14.24 19.36
CA GLN C 106 39.00 15.69 19.39
C GLN C 106 37.98 16.07 18.33
N ARG C 107 38.08 15.44 17.15
CA ARG C 107 37.14 15.57 16.05
C ARG C 107 35.74 15.16 16.48
N ASP C 108 35.61 14.02 17.17
CA ASP C 108 34.30 13.56 17.62
C ASP C 108 33.70 14.46 18.69
N GLN C 109 34.53 15.00 19.58
CA GLN C 109 34.04 15.94 20.59
C GLN C 109 33.50 17.20 19.95
N GLY C 110 34.21 17.74 18.96
CA GLY C 110 33.69 18.87 18.22
C GLY C 110 32.45 18.59 17.40
N TRP C 111 32.37 17.40 16.82
CA TRP C 111 31.18 16.98 16.07
C TRP C 111 29.97 16.86 16.97
N TYR C 112 30.14 16.33 18.17
CA TYR C 112 29.00 16.21 19.09
C TYR C 112 28.59 17.54 19.68
N ILE C 113 29.53 18.49 19.86
CA ILE C 113 29.15 19.85 20.24
C ILE C 113 28.35 20.53 19.11
N ARG C 114 28.73 20.30 17.86
CA ARG C 114 27.98 20.79 16.71
C ARG C 114 26.57 20.21 16.65
N LEU C 115 26.43 18.92 16.96
CA LEU C 115 25.12 18.29 16.99
C LEU C 115 24.27 18.77 18.15
N VAL C 116 24.89 19.16 19.27
CA VAL C 116 24.16 19.79 20.36
C VAL C 116 23.65 21.18 19.94
N SER C 117 24.47 21.94 19.21
CA SER C 117 24.06 23.28 18.78
C SER C 117 22.92 23.23 17.76
N TYR C 118 22.92 22.21 16.89
CA TYR C 118 21.81 21.99 15.98
C TYR C 118 20.51 21.71 16.73
N CYS C 119 20.59 21.01 17.85
CA CYS C 119 19.38 20.72 18.64
C CYS C 119 18.92 21.92 19.42
N ILE C 120 19.85 22.78 19.86
CA ILE C 120 19.48 24.05 20.47
C ILE C 120 18.70 24.91 19.47
N LEU C 121 19.18 24.97 18.23
CA LEU C 121 18.46 25.69 17.18
C LEU C 121 17.14 25.04 16.77
N ALA C 122 17.09 23.71 16.74
CA ALA C 122 15.91 23.03 16.21
C ALA C 122 14.81 22.89 17.24
N GLY C 123 15.14 22.96 18.51
CA GLY C 123 14.12 22.84 19.54
C GLY C 123 13.76 21.42 19.90
N ASN C 124 14.52 20.44 19.41
CA ASN C 124 14.31 19.04 19.73
C ASN C 124 15.60 18.30 19.48
N ASP C 125 15.69 17.08 20.02
CA ASP C 125 16.94 16.32 19.97
C ASP C 125 17.05 15.46 18.72
N LYS C 126 16.25 15.75 17.72
CA LYS C 126 16.25 15.02 16.46
C LYS C 126 17.48 15.28 15.57
N PRO C 127 18.16 16.44 15.61
CA PRO C 127 19.51 16.44 15.02
C PRO C 127 20.50 15.55 15.75
N LEU C 128 20.35 15.36 17.05
CA LEU C 128 21.25 14.45 17.74
C LEU C 128 20.91 12.99 17.52
N GLU C 129 19.63 12.63 17.43
CA GLU C 129 19.27 11.24 17.16
C GLU C 129 19.58 10.81 15.73
N ASP C 130 19.19 11.62 14.74
CA ASP C 130 19.35 11.23 13.35
C ASP C 130 20.80 11.26 12.90
N ILE C 131 21.58 12.21 13.38
CA ILE C 131 22.97 12.28 12.95
C ILE C 131 23.88 11.54 13.93
N GLY C 132 23.69 11.74 15.22
CA GLY C 132 24.70 11.28 16.14
C GLY C 132 24.50 9.93 16.80
N LEU C 133 23.27 9.54 17.10
CA LEU C 133 23.03 8.39 17.96
C LEU C 133 22.46 7.19 17.24
N ASN C 134 21.96 7.36 16.02
CA ASN C 134 21.46 6.25 15.20
C ASN C 134 22.66 5.45 14.73
N GLY C 135 22.82 4.25 15.23
CA GLY C 135 23.89 3.38 14.80
C GLY C 135 25.24 3.75 15.37
N MET C 136 25.27 4.59 16.39
CA MET C 136 26.51 5.01 17.05
C MET C 136 27.17 3.88 17.81
N ARG C 137 26.37 3.07 18.50
CA ARG C 137 26.91 1.99 19.32
C ARG C 137 27.60 0.93 18.47
N GLU C 138 27.01 0.54 17.34
CA GLU C 138 27.65 -0.43 16.45
C GLU C 138 28.98 0.09 15.89
N MET C 139 29.02 1.37 15.54
CA MET C 139 30.23 2.01 15.02
C MET C 139 31.35 2.03 16.05
N TYR C 140 31.05 2.47 17.27
CA TYR C 140 32.04 2.52 18.34
C TYR C 140 32.46 1.15 18.88
N ILE C 141 31.57 0.17 18.91
CA ILE C 141 32.01 -1.18 19.29
C ILE C 141 32.89 -1.80 18.21
N SER C 142 32.62 -1.51 16.93
CA SER C 142 33.52 -2.01 15.88
C SER C 142 34.86 -1.28 15.88
N LEU C 143 34.85 0.02 16.22
CA LEU C 143 36.09 0.78 16.22
C LEU C 143 36.99 0.39 17.39
N GLY C 144 36.39 -0.06 18.48
CA GLY C 144 37.17 -0.46 19.64
C GLY C 144 37.23 0.63 20.67
N VAL C 145 36.44 1.68 20.48
CA VAL C 145 36.33 2.77 21.46
C VAL C 145 35.39 2.32 22.55
N PRO C 146 35.82 2.28 23.81
CA PRO C 146 34.94 1.82 24.89
C PRO C 146 33.86 2.85 25.19
N LEU C 147 32.73 2.35 25.65
CA LEU C 147 31.57 3.17 25.98
C LEU C 147 31.60 3.87 27.34
N PRO C 148 32.18 3.29 28.43
CA PRO C 148 32.45 4.15 29.60
C PRO C 148 33.45 5.27 29.35
N ASN C 149 34.32 5.10 28.37
CA ASN C 149 35.24 6.17 28.01
C ASN C 149 34.47 7.35 27.40
N LEU C 150 33.46 7.05 26.60
CA LEU C 150 32.60 8.06 26.01
C LEU C 150 31.57 8.64 26.98
N ARG C 151 31.02 7.82 27.91
CA ARG C 151 30.35 8.27 29.14
C ARG C 151 31.10 9.45 29.77
N VAL C 152 32.33 9.20 30.21
CA VAL C 152 33.07 10.22 30.95
C VAL C 152 33.55 11.35 30.04
N ALA C 153 33.78 11.09 28.74
CA ALA C 153 34.20 12.14 27.82
C ALA C 153 33.10 13.16 27.60
N MET C 154 31.87 12.70 27.34
CA MET C 154 30.79 13.66 27.17
C MET C 154 30.33 14.26 28.50
N SER C 155 30.55 13.59 29.64
CA SER C 155 30.30 14.25 30.92
C SER C 155 31.27 15.41 31.17
N CYS C 156 32.56 15.21 30.91
CA CYS C 156 33.52 16.30 31.03
C CYS C 156 33.27 17.40 30.02
N LEU C 157 32.83 17.06 28.81
CA LEU C 157 32.49 18.06 27.80
C LEU C 157 31.28 18.89 28.25
N LYS C 158 30.28 18.25 28.86
CA LYS C 158 29.14 18.97 29.43
C LYS C 158 29.56 19.91 30.55
N GLU C 159 30.45 19.46 31.44
CA GLU C 159 30.89 20.29 32.57
C GLU C 159 31.68 21.51 32.10
N VAL C 160 32.57 21.33 31.11
CA VAL C 160 33.28 22.47 30.52
C VAL C 160 32.32 23.44 29.82
N ALA C 161 31.36 22.92 29.03
CA ALA C 161 30.43 23.80 28.34
C ALA C 161 29.48 24.51 29.31
N ALA C 162 29.20 23.89 30.46
CA ALA C 162 28.46 24.57 31.51
C ALA C 162 29.27 25.73 32.09
N GLY C 163 30.57 25.52 32.27
CA GLY C 163 31.46 26.61 32.63
C GLY C 163 31.59 27.69 31.57
N ILE C 164 31.35 27.36 30.31
CA ILE C 164 31.47 28.35 29.23
C ILE C 164 30.19 29.15 29.00
N LEU C 165 29.03 28.50 28.91
CA LEU C 165 27.90 29.14 28.22
C LEU C 165 27.22 30.23 29.05
N SER C 166 26.40 29.82 30.02
CA SER C 166 25.81 30.68 31.04
C SER C 166 25.15 29.78 32.07
N SER C 167 24.32 30.36 32.92
CA SER C 167 23.33 29.60 33.67
C SER C 167 22.15 29.20 32.79
N GLU C 168 21.70 30.10 31.91
CA GLU C 168 20.43 29.87 31.22
C GLU C 168 20.57 29.44 29.77
N GLU C 169 21.67 29.78 29.09
CA GLU C 169 21.95 29.11 27.82
C GLU C 169 22.26 27.63 28.04
N MET C 170 22.91 27.30 29.15
CA MET C 170 23.14 25.91 29.51
C MET C 170 21.86 25.21 29.94
N ALA C 171 20.87 25.97 30.40
CA ALA C 171 19.55 25.40 30.67
C ALA C 171 18.88 24.88 29.39
N LEU C 172 19.23 25.45 28.24
CA LEU C 172 18.83 24.91 26.95
C LEU C 172 19.69 23.72 26.53
N ALA C 173 21.01 23.82 26.69
CA ALA C 173 21.91 22.80 26.17
C ALA C 173 21.90 21.52 26.99
N ALA C 174 21.72 21.60 28.30
CA ALA C 174 21.81 20.47 29.21
C ALA C 174 20.81 19.32 29.00
N PRO C 175 19.57 19.53 28.52
CA PRO C 175 18.82 18.37 28.01
C PRO C 175 19.50 17.63 26.87
N TYR C 176 20.11 18.35 25.93
CA TYR C 176 20.76 17.70 24.80
C TYR C 176 22.09 17.08 25.18
N PHE C 177 22.84 17.71 26.08
CA PHE C 177 24.05 17.08 26.59
C PHE C 177 23.73 15.84 27.43
N ASP C 178 22.64 15.90 28.22
CA ASP C 178 22.18 14.72 28.96
C ASP C 178 21.73 13.61 28.03
N ARG C 179 21.02 13.97 26.95
CA ARG C 179 20.59 13.00 25.95
C ARG C 179 21.77 12.33 25.28
N LEU C 180 22.80 13.11 24.95
CA LEU C 180 24.02 12.56 24.38
C LEU C 180 24.73 11.64 25.37
N ILE C 181 24.81 12.06 26.64
CA ILE C 181 25.47 11.27 27.67
C ILE C 181 24.75 9.95 27.89
N ARG C 182 23.42 9.99 27.97
CA ARG C 182 22.60 8.80 28.21
C ARG C 182 22.61 7.79 27.08
N ALA C 183 23.11 8.15 25.90
CA ALA C 183 23.13 7.21 24.79
C ALA C 183 24.35 6.30 24.83
N PHE C 184 25.26 6.53 25.75
CA PHE C 184 26.45 5.71 25.86
C PHE C 184 26.28 4.67 26.95
N MET D 1 7.83 19.65 2.02
CA MET D 1 7.92 20.61 3.10
C MET D 1 9.30 20.69 3.73
N LYS D 2 9.89 21.88 3.64
CA LYS D 2 11.03 22.27 4.43
C LYS D 2 10.72 23.62 5.05
N ASP D 3 10.91 23.75 6.35
CA ASP D 3 10.68 25.05 6.98
C ASP D 3 11.97 25.86 7.06
N THR D 4 11.95 26.98 7.76
CA THR D 4 13.11 27.85 7.83
C THR D 4 14.24 27.27 8.67
N ILE D 5 13.93 26.59 9.77
CA ILE D 5 14.98 26.06 10.63
C ILE D 5 15.67 24.88 9.97
N THR D 6 14.91 23.98 9.35
CA THR D 6 15.50 22.82 8.70
C THR D 6 16.30 23.22 7.46
N SER D 7 15.83 24.21 6.71
CA SER D 7 16.52 24.67 5.51
C SER D 7 17.85 25.36 5.79
N LEU D 8 18.13 25.68 7.05
CA LEU D 8 19.43 26.17 7.48
C LEU D 8 20.25 25.11 8.20
N ILE D 9 19.61 24.27 9.01
CA ILE D 9 20.34 23.24 9.76
C ILE D 9 20.84 22.14 8.84
N ASN D 10 20.04 21.74 7.85
CA ASN D 10 20.43 20.69 6.91
C ASN D 10 21.65 21.00 6.04
N PRO D 11 21.82 22.19 5.42
CA PRO D 11 23.06 22.41 4.66
C PRO D 11 24.29 22.55 5.54
N ALA D 12 24.10 22.99 6.79
CA ALA D 12 25.21 22.98 7.75
C ALA D 12 25.61 21.57 8.11
N ASP D 13 24.66 20.63 8.09
CA ASP D 13 25.00 19.25 8.40
C ASP D 13 25.65 18.56 7.21
N GLU D 14 25.20 18.86 5.99
CA GLU D 14 25.89 18.37 4.80
C GLU D 14 27.31 18.93 4.70
N LYS D 15 27.49 20.20 5.05
CA LYS D 15 28.84 20.75 5.11
C LYS D 15 29.60 20.25 6.32
N GLY D 16 28.88 19.82 7.35
CA GLY D 16 29.51 19.43 8.59
C GLY D 16 29.97 20.58 9.44
N SER D 17 29.47 21.78 9.19
CA SER D 17 29.91 22.98 9.86
C SER D 17 28.79 23.50 10.75
N TYR D 18 29.12 24.49 11.54
CA TYR D 18 28.10 25.19 12.30
C TYR D 18 27.29 26.09 11.39
N LEU D 19 26.21 26.62 11.93
CA LEU D 19 25.47 27.66 11.24
C LEU D 19 26.32 28.92 11.19
N ASP D 20 26.74 29.29 9.99
CA ASP D 20 27.51 30.50 9.79
C ASP D 20 26.65 31.75 9.99
N ALA D 21 27.32 32.90 10.04
CA ALA D 21 26.73 34.14 10.56
C ALA D 21 25.58 34.66 9.72
N ALA D 22 25.62 34.42 8.41
CA ALA D 22 24.51 34.83 7.54
C ALA D 22 23.27 33.98 7.78
N ALA D 23 23.45 32.66 7.84
CA ALA D 23 22.31 31.77 8.04
C ALA D 23 21.79 31.87 9.47
N LEU D 24 22.70 32.04 10.43
CA LEU D 24 22.29 32.19 11.81
C LEU D 24 21.64 33.55 12.04
N GLU D 25 22.05 34.56 11.26
CA GLU D 25 21.39 35.86 11.28
C GLU D 25 20.00 35.81 10.68
N GLN D 26 19.81 35.10 9.57
CA GLN D 26 18.48 35.05 8.98
C GLN D 26 17.57 34.12 9.78
N LEU D 27 18.13 33.16 10.50
CA LEU D 27 17.38 32.40 11.48
C LEU D 27 17.01 33.23 12.71
N ASN D 28 17.86 34.17 13.12
CA ASN D 28 17.58 34.99 14.29
C ASN D 28 16.37 35.89 14.09
N ARG D 29 16.24 36.47 12.90
CA ARG D 29 15.09 37.32 12.63
C ARG D 29 13.82 36.52 12.40
N TYR D 30 13.96 35.23 12.04
CA TYR D 30 12.82 34.33 12.09
C TYR D 30 12.41 34.02 13.52
N PHE D 31 13.37 33.97 14.43
CA PHE D 31 13.09 33.65 15.82
C PHE D 31 12.47 34.81 16.57
N GLN D 32 12.57 36.03 16.03
CA GLN D 32 11.85 37.16 16.61
C GLN D 32 10.71 37.61 15.71
N SER D 33 10.49 36.95 14.57
CA SER D 33 9.14 36.89 14.07
C SER D 33 8.36 36.11 15.11
N GLY D 34 8.54 34.80 15.12
CA GLY D 34 8.33 33.99 16.30
C GLY D 34 6.97 33.97 16.95
N ASN D 35 6.90 34.69 18.08
CA ASN D 35 5.72 34.70 18.94
C ASN D 35 4.51 35.31 18.23
N MET D 36 4.72 36.21 17.28
CA MET D 36 3.60 36.75 16.53
C MET D 36 3.06 35.75 15.52
N ARG D 37 3.92 34.94 14.90
CA ARG D 37 3.45 33.89 14.00
C ARG D 37 2.66 32.84 14.76
N VAL D 38 3.08 32.52 15.98
CA VAL D 38 2.34 31.59 16.82
C VAL D 38 1.04 32.22 17.30
N LYS D 39 1.03 33.52 17.59
CA LYS D 39 -0.19 34.21 17.97
C LYS D 39 -1.20 34.25 16.82
N ALA D 40 -0.74 34.52 15.61
CA ALA D 40 -1.58 34.45 14.42
C ALA D 40 -2.08 33.04 14.13
N ALA D 41 -1.22 32.02 14.30
CA ALA D 41 -1.66 30.65 14.14
C ALA D 41 -2.63 30.21 15.22
N LYS D 42 -2.54 30.78 16.43
CA LYS D 42 -3.54 30.49 17.45
C LYS D 42 -4.88 31.14 17.14
N THR D 43 -4.85 32.40 16.66
CA THR D 43 -6.07 33.12 16.30
C THR D 43 -6.79 32.44 15.13
N ILE D 44 -6.04 32.01 14.12
CA ILE D 44 -6.62 31.33 12.99
C ILE D 44 -7.15 29.94 13.35
N SER D 45 -6.44 29.17 14.17
CA SER D 45 -6.86 27.80 14.50
C SER D 45 -8.14 27.73 15.31
N SER D 46 -8.44 28.74 16.12
CA SER D 46 -9.70 28.78 16.85
C SER D 46 -10.85 29.33 16.02
N SER D 47 -10.59 30.34 15.20
CA SER D 47 -11.63 31.01 14.44
C SER D 47 -11.57 30.74 12.95
N ALA D 48 -11.26 29.50 12.55
CA ALA D 48 -11.08 29.20 11.14
C ALA D 48 -12.40 29.17 10.40
N SER D 49 -13.43 28.59 11.02
CA SER D 49 -14.77 28.53 10.43
C SER D 49 -15.35 29.91 10.27
N SER D 50 -15.12 30.79 11.26
CA SER D 50 -15.57 32.18 11.18
C SER D 50 -14.86 32.93 10.06
N ILE D 51 -13.56 32.68 9.88
CA ILE D 51 -12.79 33.30 8.80
C ILE D 51 -13.30 32.86 7.44
N ILE D 52 -13.59 31.56 7.29
CA ILE D 52 -14.11 31.04 6.02
C ILE D 52 -15.53 31.54 5.76
N SER D 53 -16.35 31.64 6.81
CA SER D 53 -17.71 32.17 6.67
C SER D 53 -17.72 33.63 6.24
N LYS D 54 -16.85 34.45 6.83
CA LYS D 54 -16.73 35.84 6.42
C LYS D 54 -16.12 35.98 5.04
N THR D 55 -15.21 35.09 4.65
CA THR D 55 -14.61 35.10 3.32
C THR D 55 -15.64 34.81 2.24
N VAL D 56 -16.50 33.79 2.46
CA VAL D 56 -17.57 33.50 1.51
C VAL D 56 -18.64 34.58 1.51
N ALA D 57 -18.96 35.15 2.68
CA ALA D 57 -20.06 36.10 2.79
C ALA D 57 -19.77 37.45 2.16
N LYS D 58 -18.53 37.71 1.74
CA LYS D 58 -18.20 39.00 1.14
C LYS D 58 -17.59 38.87 -0.25
N SER D 59 -17.43 37.65 -0.76
CA SER D 59 -16.90 37.52 -2.11
C SER D 59 -17.71 36.60 -3.01
N LEU D 60 -18.37 35.60 -2.42
CA LEU D 60 -19.04 34.59 -3.21
C LEU D 60 -20.54 34.61 -3.08
N LEU D 61 -21.10 34.99 -1.95
CA LEU D 61 -22.53 34.89 -1.77
C LEU D 61 -23.29 36.01 -2.47
N TYR D 62 -24.59 35.81 -2.51
CA TYR D 62 -25.65 36.76 -2.88
C TYR D 62 -25.52 37.16 -4.34
N GLY D 63 -25.21 36.16 -5.16
CA GLY D 63 -25.03 36.39 -6.58
C GLY D 63 -25.48 35.16 -7.35
N ASP D 64 -24.97 35.05 -8.57
CA ASP D 64 -25.40 34.01 -9.48
C ASP D 64 -24.57 32.73 -9.37
N ILE D 65 -23.50 32.74 -8.58
CA ILE D 65 -22.67 31.54 -8.48
C ILE D 65 -23.32 30.51 -7.57
N THR D 66 -24.22 30.91 -6.67
CA THR D 66 -24.90 29.99 -5.77
C THR D 66 -26.31 29.67 -6.22
N LEU D 67 -26.76 30.27 -7.28
CA LEU D 67 -28.02 30.04 -7.97
C LEU D 67 -27.81 28.94 -9.01
N PRO D 68 -28.90 28.28 -9.50
CA PRO D 68 -28.71 27.15 -10.44
C PRO D 68 -28.05 27.49 -11.75
N GLY D 69 -27.01 26.75 -12.08
CA GLY D 69 -26.16 27.07 -13.20
C GLY D 69 -24.82 27.58 -12.73
N GLY D 70 -24.77 28.03 -11.48
CA GLY D 70 -23.54 28.46 -10.87
C GLY D 70 -22.71 27.29 -10.41
N MEN D 71 -21.48 27.54 -10.00
CA MEN D 71 -20.59 26.46 -9.68
C MEN D 71 -20.55 26.24 -8.17
O MEN D 71 -19.82 25.46 -7.60
CB MEN D 71 -19.16 26.69 -10.21
CG MEN D 71 -18.33 25.42 -10.26
OD1 MEN D 71 -17.41 25.28 -9.44
ND2 MEN D 71 -18.61 24.44 -11.17
CE2 MEN D 71 -17.85 23.25 -11.23
N MET D 72 -21.41 26.97 -7.48
CA MET D 72 -21.56 26.75 -6.04
C MET D 72 -22.99 26.28 -5.79
N TYR D 73 -23.59 25.74 -6.85
CA TYR D 73 -24.88 25.09 -6.80
C TYR D 73 -24.69 23.68 -7.36
N PRO D 74 -25.24 22.65 -6.72
CA PRO D 74 -26.05 22.60 -5.51
C PRO D 74 -25.21 22.59 -4.23
N THR D 75 -25.74 22.03 -3.14
CA THR D 75 -25.08 22.08 -1.85
C THR D 75 -23.75 21.34 -1.84
N ARG D 76 -23.61 20.32 -2.70
CA ARG D 76 -22.37 19.55 -2.80
C ARG D 76 -21.23 20.42 -3.32
N ARG D 77 -21.53 21.27 -4.29
CA ARG D 77 -20.53 22.18 -4.83
C ARG D 77 -20.20 23.31 -3.86
N TYR D 78 -21.19 23.78 -3.09
CA TYR D 78 -20.92 24.72 -1.99
C TYR D 78 -20.01 24.11 -0.95
N ALA D 79 -20.28 22.86 -0.55
CA ALA D 79 -19.45 22.20 0.45
C ALA D 79 -18.04 21.96 -0.05
N ALA D 80 -17.89 21.64 -1.34
CA ALA D 80 -16.57 21.49 -1.94
C ALA D 80 -15.79 22.80 -1.95
N CYS D 81 -16.46 23.91 -2.29
CA CYS D 81 -15.82 25.23 -2.23
C CYS D 81 -15.41 25.60 -0.81
N LEU D 82 -16.25 25.27 0.15
CA LEU D 82 -16.00 25.58 1.54
C LEU D 82 -14.80 24.80 2.07
N ARG D 83 -14.69 23.51 1.74
CA ARG D 83 -13.51 22.79 2.19
C ARG D 83 -12.26 23.14 1.38
N ASP D 84 -12.42 23.63 0.14
CA ASP D 84 -11.27 24.17 -0.59
C ASP D 84 -10.71 25.41 0.07
N LEU D 85 -11.58 26.32 0.48
CA LEU D 85 -11.11 27.53 1.15
C LEU D 85 -10.53 27.22 2.52
N THR D 86 -11.06 26.19 3.19
CA THR D 86 -10.45 25.73 4.43
C THR D 86 -9.07 25.13 4.21
N TYR D 87 -8.87 24.39 3.11
CA TYR D 87 -7.53 23.92 2.72
C TYR D 87 -6.58 25.08 2.49
N PHE D 88 -7.05 26.11 1.78
CA PHE D 88 -6.21 27.26 1.46
C PHE D 88 -5.79 28.01 2.73
N LEU D 89 -6.74 28.22 3.64
CA LEU D 89 -6.44 28.87 4.91
C LEU D 89 -5.49 28.03 5.78
N ARG D 90 -5.71 26.71 5.85
CA ARG D 90 -4.88 25.86 6.69
C ARG D 90 -3.46 25.74 6.15
N TYR D 91 -3.30 25.60 4.85
CA TYR D 91 -1.96 25.48 4.31
C TYR D 91 -1.24 26.82 4.24
N ALA D 92 -1.97 27.94 4.09
CA ALA D 92 -1.34 29.24 4.26
C ALA D 92 -0.91 29.49 5.70
N THR D 93 -1.68 29.02 6.68
CA THR D 93 -1.25 29.12 8.08
C THR D 93 -0.03 28.25 8.38
N TYR D 94 0.04 27.06 7.78
CA TYR D 94 1.22 26.21 7.89
C TYR D 94 2.44 26.88 7.28
N ALA D 95 2.27 27.47 6.09
CA ALA D 95 3.40 28.11 5.41
C ALA D 95 3.80 29.41 6.08
N MET D 96 2.88 30.06 6.79
CA MET D 96 3.20 31.25 7.56
C MET D 96 3.96 30.89 8.83
N LEU D 97 3.53 29.83 9.49
CA LEU D 97 4.18 29.40 10.73
C LEU D 97 5.58 28.86 10.45
N ALA D 98 5.75 28.22 9.29
CA ALA D 98 7.03 27.71 8.84
C ALA D 98 7.89 28.77 8.19
N ALA D 99 7.31 29.92 7.85
CA ALA D 99 7.90 31.00 7.04
C ALA D 99 8.47 30.49 5.73
N ASP D 100 7.74 29.58 5.10
CA ASP D 100 8.28 28.96 3.90
C ASP D 100 7.12 28.48 3.03
N PRO D 101 7.06 28.88 1.77
CA PRO D 101 5.94 28.47 0.91
C PRO D 101 6.10 27.12 0.25
N SER D 102 6.99 26.26 0.73
CA SER D 102 7.19 24.96 0.11
C SER D 102 6.02 24.01 0.37
N ILE D 103 5.35 24.13 1.51
CA ILE D 103 4.18 23.30 1.78
C ILE D 103 2.97 23.73 0.95
N LEU D 104 3.00 24.92 0.37
CA LEU D 104 1.97 25.38 -0.54
C LEU D 104 2.14 24.84 -1.95
N ASP D 105 3.28 24.30 -2.25
CA ASP D 105 3.58 23.88 -3.61
C ASP D 105 3.47 22.38 -3.79
N GLU D 106 3.87 21.61 -2.79
CA GLU D 106 3.78 20.16 -2.88
C GLU D 106 2.54 19.59 -2.19
N ARG D 107 1.73 20.42 -1.55
CA ARG D 107 0.42 19.99 -1.08
C ARG D 107 -0.76 20.69 -1.71
N VAL D 108 -0.62 21.88 -2.26
CA VAL D 108 -1.79 22.63 -2.69
C VAL D 108 -1.70 22.94 -4.17
N LEU D 109 -0.63 23.61 -4.59
CA LEU D 109 -0.53 24.17 -5.93
C LEU D 109 0.18 23.19 -6.85
N GLN D 110 -0.39 22.01 -7.03
CA GLN D 110 0.22 21.06 -7.94
C GLN D 110 -0.86 20.31 -8.70
N GLY D 111 -1.08 20.72 -9.94
CA GLY D 111 -2.21 20.24 -10.71
C GLY D 111 -3.51 20.95 -10.39
N LEU D 112 -3.49 21.94 -9.50
CA LEU D 112 -4.73 22.58 -9.05
C LEU D 112 -5.36 23.42 -10.15
N LYS D 113 -4.53 24.13 -10.91
CA LYS D 113 -5.01 24.93 -12.03
C LYS D 113 -5.64 24.06 -13.10
N GLU D 114 -4.99 22.93 -13.41
CA GLU D 114 -5.54 22.00 -14.38
C GLU D 114 -6.79 21.31 -13.85
N THR D 115 -6.84 21.04 -12.55
CA THR D 115 -8.04 20.48 -11.90
C THR D 115 -9.22 21.42 -12.03
N TYR D 116 -8.98 22.72 -11.79
CA TYR D 116 -10.06 23.69 -11.85
C TYR D 116 -10.51 23.96 -13.28
N ILE D 117 -9.56 23.93 -14.23
CA ILE D 117 -9.92 24.13 -15.64
C ILE D 117 -10.70 22.94 -16.17
N THR D 118 -10.32 21.72 -15.78
CA THR D 118 -11.06 20.53 -16.17
C THR D 118 -12.45 20.51 -15.53
N LEU D 119 -12.54 20.90 -14.26
CA LEU D 119 -13.78 20.84 -13.52
C LEU D 119 -14.74 21.96 -13.91
N GLY D 120 -14.22 23.02 -14.48
CA GLY D 120 -15.05 24.18 -14.77
C GLY D 120 -15.15 25.17 -13.64
N VAL D 121 -14.31 25.05 -12.63
CA VAL D 121 -14.31 25.93 -11.46
C VAL D 121 -13.79 27.29 -11.88
N PRO D 122 -14.52 28.37 -11.64
CA PRO D 122 -14.04 29.70 -12.02
C PRO D 122 -12.86 30.16 -11.17
N ILE D 123 -11.67 30.15 -11.77
CA ILE D 123 -10.42 30.46 -11.07
C ILE D 123 -10.38 31.93 -10.66
N ASP D 124 -11.02 32.81 -11.44
CA ASP D 124 -11.07 34.22 -11.08
C ASP D 124 -11.89 34.45 -9.83
N ARG D 125 -12.97 33.67 -9.65
CA ARG D 125 -13.78 33.75 -8.43
C ARG D 125 -13.02 33.18 -7.23
N VAL D 126 -12.21 32.14 -7.43
CA VAL D 126 -11.35 31.60 -6.39
C VAL D 126 -10.31 32.63 -5.95
N ILE D 127 -9.71 33.32 -6.91
CA ILE D 127 -8.73 34.36 -6.65
C ILE D 127 -9.37 35.55 -5.93
N GLN D 128 -10.61 35.87 -6.30
CA GLN D 128 -11.34 36.95 -5.66
C GLN D 128 -11.75 36.58 -4.22
N ALA D 129 -12.08 35.32 -3.99
CA ALA D 129 -12.33 34.84 -2.63
C ALA D 129 -11.07 34.83 -1.78
N LEU D 130 -9.92 34.50 -2.37
CA LEU D 130 -8.65 34.57 -1.62
C LEU D 130 -8.26 36.02 -1.32
N ASN D 131 -8.56 36.95 -2.23
CA ASN D 131 -8.40 38.37 -1.97
C ASN D 131 -9.30 38.86 -0.84
N ALA D 132 -10.53 38.34 -0.76
CA ALA D 132 -11.39 38.67 0.37
C ALA D 132 -10.92 37.99 1.66
N MET D 133 -10.30 36.82 1.56
CA MET D 133 -9.74 36.13 2.72
C MET D 133 -8.63 36.96 3.35
N LYS D 134 -7.83 37.61 2.50
CA LYS D 134 -6.80 38.53 2.99
C LYS D 134 -7.41 39.70 3.76
N GLU D 135 -8.53 40.25 3.28
CA GLU D 135 -9.18 41.36 3.96
C GLU D 135 -9.84 40.91 5.26
N VAL D 136 -10.37 39.69 5.29
CA VAL D 136 -10.92 39.11 6.52
C VAL D 136 -9.82 38.89 7.55
N LEU D 137 -8.66 38.37 7.11
CA LEU D 137 -7.53 38.17 8.00
C LEU D 137 -6.90 39.47 8.46
N THR D 138 -6.98 40.53 7.65
CA THR D 138 -6.49 41.84 8.04
C THR D 138 -7.27 42.42 9.21
N GLU D 139 -8.58 42.18 9.26
CA GLU D 139 -9.43 42.71 10.31
C GLU D 139 -9.40 41.86 11.57
N SER D 140 -8.78 40.68 11.53
CA SER D 140 -8.80 39.77 12.66
C SER D 140 -7.42 39.47 13.23
N LEU D 141 -6.36 39.58 12.46
CA LEU D 141 -5.02 39.32 12.95
C LEU D 141 -4.37 40.63 13.36
N ASP D 142 -3.08 40.59 13.69
CA ASP D 142 -2.30 41.80 13.91
C ASP D 142 -1.81 42.33 12.58
N THR D 143 -1.00 43.38 12.60
CA THR D 143 -0.65 44.12 11.39
C THR D 143 0.31 43.37 10.48
N GLU D 144 1.47 42.94 10.99
CA GLU D 144 2.43 42.26 10.14
C GLU D 144 2.07 40.78 9.96
N ALA D 145 1.27 40.23 10.88
CA ALA D 145 0.71 38.88 10.74
C ALA D 145 -0.21 38.80 9.53
N SER D 146 -1.04 39.82 9.35
CA SER D 146 -1.89 39.91 8.17
C SER D 146 -1.07 40.03 6.90
N GLN D 147 0.06 40.73 6.96
CA GLN D 147 0.92 40.91 5.80
C GLN D 147 1.61 39.60 5.42
N GLU D 148 2.01 38.81 6.40
CA GLU D 148 2.64 37.53 6.09
C GLU D 148 1.63 36.51 5.59
N MET D 149 0.41 36.50 6.17
CA MET D 149 -0.66 35.68 5.59
C MET D 149 -1.04 36.15 4.20
N ALA D 150 -0.95 37.45 3.93
CA ALA D 150 -1.18 37.97 2.59
C ALA D 150 -0.14 37.48 1.60
N VAL D 151 1.12 37.41 2.02
CA VAL D 151 2.18 36.86 1.18
C VAL D 151 1.92 35.39 0.86
N TYR D 152 1.51 34.63 1.87
CA TYR D 152 1.36 33.21 1.65
C TYR D 152 0.02 32.88 1.01
N LEU D 153 -0.91 33.82 0.96
CA LEU D 153 -2.11 33.63 0.17
C LEU D 153 -1.91 34.11 -1.26
N ASP D 154 -1.10 35.17 -1.47
CA ASP D 154 -0.67 35.56 -2.82
C ASP D 154 0.14 34.49 -3.51
N HIS D 155 0.88 33.67 -2.77
CA HIS D 155 1.55 32.53 -3.39
C HIS D 155 0.55 31.53 -3.98
N ILE D 156 -0.56 31.29 -3.29
CA ILE D 156 -1.62 30.44 -3.84
C ILE D 156 -2.29 31.12 -5.04
N ILE D 157 -2.51 32.44 -4.93
CA ILE D 157 -3.15 33.21 -6.00
C ILE D 157 -2.27 33.21 -7.26
N ALA D 158 -0.96 33.40 -7.10
CA ALA D 158 -0.04 33.38 -8.23
C ALA D 158 0.12 31.98 -8.80
N GLY D 159 -0.02 30.95 -7.95
CA GLY D 159 -0.02 29.61 -8.48
C GLY D 159 -1.30 29.22 -9.18
N LEU D 160 -2.35 30.02 -9.06
CA LEU D 160 -3.66 29.69 -9.62
C LEU D 160 -3.99 30.52 -10.83
N SER E 27 -28.80 7.81 -13.74
CA SER E 27 -29.51 6.90 -12.85
C SER E 27 -30.15 7.64 -11.70
N MET E 28 -30.85 8.73 -12.04
CA MET E 28 -31.57 9.49 -11.01
C MET E 28 -32.98 8.93 -10.80
N SER E 29 -33.70 8.61 -11.87
CA SER E 29 -35.05 8.10 -11.76
C SER E 29 -35.03 6.63 -11.37
N ILE E 30 -36.19 6.12 -10.99
CA ILE E 30 -36.28 4.73 -10.55
C ILE E 30 -36.13 3.75 -11.71
N VAL E 31 -36.59 4.12 -12.91
CA VAL E 31 -36.52 3.27 -14.08
C VAL E 31 -35.06 3.09 -14.52
N ALA E 32 -34.30 4.18 -14.51
CA ALA E 32 -32.88 4.13 -14.85
C ALA E 32 -32.08 3.34 -13.84
N GLN E 33 -32.42 3.43 -12.55
CA GLN E 33 -31.73 2.62 -11.55
C GLN E 33 -32.05 1.14 -11.69
N VAL E 34 -33.31 0.81 -12.00
CA VAL E 34 -33.71 -0.57 -12.26
C VAL E 34 -32.95 -1.14 -13.45
N ILE E 35 -32.83 -0.36 -14.52
CA ILE E 35 -32.10 -0.79 -15.71
C ILE E 35 -30.60 -0.89 -15.44
N ALA E 36 -30.06 0.00 -14.60
CA ALA E 36 -28.65 -0.06 -14.27
C ALA E 36 -28.31 -1.25 -13.36
N GLN E 37 -29.18 -1.58 -12.41
CA GLN E 37 -28.99 -2.81 -11.63
C GLN E 37 -29.13 -4.07 -12.46
N SER E 38 -30.05 -4.11 -13.41
CA SER E 38 -30.16 -5.28 -14.28
C SER E 38 -29.04 -5.40 -15.29
N ASP E 39 -28.52 -4.29 -15.79
CA ASP E 39 -27.43 -4.30 -16.75
C ASP E 39 -26.11 -4.68 -16.11
N ALA E 40 -25.89 -4.32 -14.85
CA ALA E 40 -24.65 -4.62 -14.17
C ALA E 40 -24.48 -6.10 -13.92
N ALA E 41 -25.59 -6.79 -13.75
CA ALA E 41 -25.62 -8.23 -13.50
C ALA E 41 -25.79 -9.06 -14.76
N ASP E 42 -25.84 -8.42 -15.93
CA ASP E 42 -25.86 -9.04 -17.26
C ASP E 42 -27.06 -9.95 -17.47
N ARG E 43 -28.20 -9.49 -16.96
CA ARG E 43 -29.42 -10.27 -16.92
C ARG E 43 -30.62 -9.37 -17.13
N PHE E 44 -31.77 -10.01 -17.35
CA PHE E 44 -33.01 -9.32 -17.65
C PHE E 44 -33.64 -8.78 -16.37
N LEU E 45 -34.90 -8.40 -16.44
CA LEU E 45 -35.48 -7.69 -15.32
C LEU E 45 -36.07 -8.69 -14.33
N SER E 46 -35.53 -8.72 -13.10
CA SER E 46 -36.03 -9.70 -12.14
C SER E 46 -37.36 -9.24 -11.58
N SER E 47 -38.05 -10.16 -10.89
CA SER E 47 -39.43 -9.95 -10.46
C SER E 47 -39.53 -8.88 -9.38
N ALA E 48 -38.45 -8.67 -8.62
CA ALA E 48 -38.41 -7.58 -7.66
C ALA E 48 -38.42 -6.23 -8.37
N GLU E 49 -37.71 -6.15 -9.50
CA GLU E 49 -37.64 -4.90 -10.24
C GLU E 49 -38.94 -4.63 -11.01
N ILE E 50 -39.59 -5.69 -11.51
CA ILE E 50 -40.94 -5.56 -12.06
C ILE E 50 -41.93 -5.14 -10.98
N ALA E 51 -41.75 -5.65 -9.76
CA ALA E 51 -42.62 -5.25 -8.66
C ALA E 51 -42.42 -3.78 -8.28
N LYS E 52 -41.17 -3.31 -8.29
CA LYS E 52 -40.89 -1.90 -8.05
C LYS E 52 -41.44 -1.00 -9.14
N LEU E 53 -41.36 -1.42 -10.41
CA LEU E 53 -41.87 -0.57 -11.48
C LEU E 53 -43.38 -0.66 -11.61
N GLU E 54 -43.98 -1.74 -11.13
CA GLU E 54 -45.44 -1.79 -11.00
C GLU E 54 -45.95 -0.78 -10.01
N ASP E 55 -45.30 -0.64 -8.85
CA ASP E 55 -45.76 0.31 -7.85
C ASP E 55 -45.43 1.73 -8.22
N PHE E 56 -44.48 1.96 -9.11
CA PHE E 56 -44.18 3.31 -9.55
C PHE E 56 -45.15 3.76 -10.63
N PHE E 57 -45.50 2.89 -11.57
CA PHE E 57 -46.28 3.31 -12.72
C PHE E 57 -47.78 3.19 -12.50
N SER E 58 -48.22 2.55 -11.42
CA SER E 58 -49.65 2.40 -11.18
C SER E 58 -50.25 3.72 -10.71
N LYS E 59 -49.50 4.46 -9.91
CA LYS E 59 -49.96 5.73 -9.36
C LYS E 59 -49.23 6.91 -9.97
N GLY E 60 -48.84 6.78 -11.24
CA GLY E 60 -48.13 7.82 -11.96
C GLY E 60 -48.99 8.96 -12.44
N GLN E 61 -50.31 8.80 -12.42
CA GLN E 61 -51.18 9.94 -12.67
C GLN E 61 -51.21 10.87 -11.47
N VAL E 62 -51.23 10.27 -10.28
CA VAL E 62 -51.11 11.00 -9.02
C VAL E 62 -49.77 11.74 -8.93
N ARG E 63 -48.70 11.17 -9.49
CA ARG E 63 -47.40 11.82 -9.44
C ARG E 63 -47.36 13.09 -10.29
N ILE E 64 -47.92 13.02 -11.50
CA ILE E 64 -48.06 14.18 -12.37
C ILE E 64 -48.92 15.24 -11.72
N ARG E 65 -50.05 14.82 -11.15
CA ARG E 65 -50.96 15.74 -10.47
C ARG E 65 -50.33 16.39 -9.25
N ALA E 66 -49.54 15.63 -8.49
CA ALA E 66 -48.91 16.17 -7.29
C ALA E 66 -47.79 17.14 -7.64
N ALA E 67 -46.98 16.82 -8.66
CA ALA E 67 -45.92 17.72 -9.08
C ALA E 67 -46.49 19.00 -9.68
N GLN E 68 -47.59 18.88 -10.44
CA GLN E 68 -48.25 20.05 -11.00
C GLN E 68 -48.87 20.91 -9.91
N LYS E 69 -49.42 20.29 -8.86
CA LYS E 69 -50.01 21.03 -7.77
C LYS E 69 -48.94 21.73 -6.93
N LEU E 70 -47.81 21.05 -6.69
CA LEU E 70 -46.72 21.66 -5.93
C LEU E 70 -46.07 22.81 -6.69
N ALA E 71 -45.99 22.69 -8.02
CA ALA E 71 -45.57 23.82 -8.85
C ALA E 71 -46.58 24.94 -8.87
N GLU E 72 -47.87 24.62 -8.84
CA GLU E 72 -48.93 25.58 -9.10
C GLU E 72 -49.10 26.56 -7.96
N ASN E 73 -49.04 26.08 -6.72
CA ASN E 73 -49.16 26.95 -5.56
C ASN E 73 -48.00 26.76 -4.60
N GLU E 74 -46.79 26.83 -5.15
CA GLU E 74 -45.55 26.90 -4.39
C GLU E 74 -45.57 28.03 -3.39
N GLN E 75 -45.91 29.23 -3.86
CA GLN E 75 -45.75 30.45 -3.09
C GLN E 75 -46.74 30.50 -1.94
N LYS E 76 -47.95 30.00 -2.16
CA LYS E 76 -48.95 29.88 -1.10
C LYS E 76 -48.46 29.01 0.04
N ILE E 77 -47.84 27.87 -0.30
CA ILE E 77 -47.23 26.97 0.67
C ILE E 77 -46.09 27.66 1.40
N VAL E 78 -45.26 28.41 0.67
CA VAL E 78 -44.04 28.99 1.24
C VAL E 78 -44.38 30.08 2.25
N GLN E 79 -45.28 31.02 1.90
CA GLN E 79 -45.64 32.05 2.89
C GLN E 79 -46.52 31.49 4.02
N GLU E 80 -47.40 30.53 3.73
CA GLU E 80 -48.23 29.98 4.80
C GLU E 80 -47.40 29.11 5.75
N GLY E 81 -46.33 28.49 5.26
CA GLY E 81 -45.42 27.77 6.15
C GLY E 81 -44.45 28.68 6.87
N SER E 82 -44.07 29.79 6.23
CA SER E 82 -43.18 30.76 6.87
C SER E 82 -43.87 31.42 8.06
N LYS E 83 -45.16 31.70 7.93
CA LYS E 83 -45.92 32.26 9.04
C LYS E 83 -45.98 31.30 10.23
N ARG E 84 -46.24 30.01 9.97
CA ARG E 84 -46.32 29.04 11.05
C ARG E 84 -44.94 28.78 11.66
N PHE E 85 -43.91 28.86 10.84
CA PHE E 85 -42.54 28.66 11.30
C PHE E 85 -42.05 29.84 12.13
N TRP E 86 -42.42 31.06 11.75
CA TRP E 86 -42.08 32.21 12.57
C TRP E 86 -42.92 32.29 13.84
N ALA E 87 -44.12 31.69 13.84
CA ALA E 87 -44.83 31.52 15.09
C ALA E 87 -44.16 30.50 15.99
N LYS E 88 -43.79 29.33 15.44
CA LYS E 88 -43.18 28.27 16.23
C LYS E 88 -41.71 28.52 16.54
N CYS E 89 -41.03 29.36 15.77
CA CYS E 89 -39.63 29.69 16.03
C CYS E 89 -39.40 31.13 15.63
N PRO E 90 -39.46 32.07 16.57
CA PRO E 90 -39.20 33.48 16.24
C PRO E 90 -37.73 33.88 16.27
N ASN E 91 -36.83 33.00 16.68
CA ASN E 91 -35.42 33.32 16.91
C ASN E 91 -34.57 32.95 15.70
N THR E 92 -35.10 33.21 14.51
CA THR E 92 -34.46 32.80 13.27
C THR E 92 -33.63 33.93 12.70
N PRO E 93 -32.67 33.61 11.82
CA PRO E 93 -32.07 34.66 10.99
C PRO E 93 -33.06 35.34 10.06
N SER E 94 -34.18 34.70 9.70
CA SER E 94 -35.22 35.35 8.92
C SER E 94 -35.91 36.45 9.72
N ASN E 95 -36.21 36.20 10.99
CA ASN E 95 -36.87 37.18 11.86
C ASN E 95 -35.82 38.05 12.54
N LYS E 96 -35.08 38.79 11.71
CA LYS E 96 -34.12 39.75 12.27
C LYS E 96 -34.27 41.12 11.61
N GLY E 97 -35.40 41.37 10.96
CA GLY E 97 -35.66 42.69 10.43
C GLY E 97 -35.31 42.87 8.97
N ASN E 98 -34.07 42.56 8.59
CA ASN E 98 -33.64 42.82 7.22
C ASN E 98 -34.31 41.82 6.27
N PRO E 99 -34.83 42.29 5.13
CA PRO E 99 -35.70 41.44 4.32
C PRO E 99 -34.96 40.49 3.40
N GLN E 100 -33.64 40.50 3.43
CA GLN E 100 -32.92 39.81 2.38
C GLN E 100 -32.52 38.41 2.83
N LYS E 101 -32.22 38.24 4.14
CA LYS E 101 -32.16 36.91 4.73
C LYS E 101 -33.51 36.22 4.72
N THR E 102 -34.58 36.98 4.95
CA THR E 102 -35.94 36.47 4.83
C THR E 102 -36.24 35.98 3.42
N ALA E 103 -35.84 36.74 2.40
CA ALA E 103 -35.99 36.33 1.02
C ALA E 103 -35.16 35.10 0.67
N LEU E 104 -33.96 34.97 1.25
CA LEU E 104 -33.15 33.77 1.03
C LEU E 104 -33.79 32.54 1.71
N CYS E 105 -34.45 32.73 2.84
CA CYS E 105 -35.18 31.63 3.47
C CYS E 105 -36.39 31.20 2.65
N GLN E 106 -37.15 32.16 2.13
CA GLN E 106 -38.29 31.86 1.26
C GLN E 106 -37.84 31.15 0.00
N ARG E 107 -36.69 31.58 -0.55
CA ARG E 107 -36.02 30.97 -1.69
C ARG E 107 -35.69 29.51 -1.40
N ASP E 108 -35.12 29.23 -0.23
CA ASP E 108 -34.77 27.86 0.14
C ASP E 108 -35.99 26.97 0.34
N GLN E 109 -37.06 27.52 0.90
CA GLN E 109 -38.31 26.77 1.04
C GLN E 109 -38.89 26.38 -0.30
N GLY E 110 -38.89 27.31 -1.25
CA GLY E 110 -39.33 26.99 -2.60
C GLY E 110 -38.43 26.02 -3.33
N TRP E 111 -37.11 26.13 -3.12
CA TRP E 111 -36.16 25.19 -3.70
C TRP E 111 -36.35 23.78 -3.17
N TYR E 112 -36.62 23.64 -1.88
CA TYR E 112 -36.83 22.30 -1.32
C TYR E 112 -38.17 21.72 -1.71
N ILE E 113 -39.20 22.56 -1.92
CA ILE E 113 -40.45 22.05 -2.50
C ILE E 113 -40.24 21.57 -3.94
N ARG E 114 -39.43 22.28 -4.72
CA ARG E 114 -39.07 21.84 -6.06
C ARG E 114 -38.31 20.52 -6.07
N LEU E 115 -37.42 20.34 -5.10
CA LEU E 115 -36.69 19.07 -4.98
C LEU E 115 -37.58 17.94 -4.52
N VAL E 116 -38.61 18.23 -3.73
CA VAL E 116 -39.61 17.22 -3.39
C VAL E 116 -40.42 16.81 -4.62
N SER E 117 -40.78 17.77 -5.47
CA SER E 117 -41.56 17.46 -6.68
C SER E 117 -40.76 16.64 -7.68
N TYR E 118 -39.45 16.89 -7.78
CA TYR E 118 -38.57 16.06 -8.60
C TYR E 118 -38.53 14.62 -8.11
N CYS E 119 -38.60 14.41 -6.79
CA CYS E 119 -38.59 13.06 -6.26
C CYS E 119 -39.92 12.37 -6.44
N ILE E 120 -41.01 13.12 -6.41
CA ILE E 120 -42.33 12.57 -6.73
C ILE E 120 -42.35 12.08 -8.17
N LEU E 121 -41.79 12.86 -9.09
CA LEU E 121 -41.67 12.44 -10.48
C LEU E 121 -40.69 11.29 -10.69
N ALA E 122 -39.57 11.27 -9.96
CA ALA E 122 -38.53 10.30 -10.22
C ALA E 122 -38.80 8.95 -9.56
N GLY E 123 -39.62 8.94 -8.52
CA GLY E 123 -39.91 7.69 -7.85
C GLY E 123 -38.89 7.29 -6.82
N ASN E 124 -37.96 8.16 -6.49
CA ASN E 124 -36.96 7.91 -5.46
C ASN E 124 -36.44 9.25 -4.96
N ASP E 125 -35.76 9.20 -3.82
CA ASP E 125 -35.32 10.43 -3.16
C ASP E 125 -33.95 10.90 -3.61
N LYS E 126 -33.50 10.39 -4.74
CA LYS E 126 -32.21 10.75 -5.32
C LYS E 126 -32.14 12.15 -5.91
N PRO E 127 -33.22 12.78 -6.42
CA PRO E 127 -33.13 14.23 -6.60
C PRO E 127 -32.98 15.03 -5.31
N LEU E 128 -33.51 14.53 -4.20
CA LEU E 128 -33.31 15.24 -2.94
C LEU E 128 -31.94 15.00 -2.35
N GLU E 129 -31.38 13.79 -2.46
CA GLU E 129 -30.03 13.56 -1.94
C GLU E 129 -28.94 14.24 -2.77
N ASP E 130 -28.99 14.11 -4.09
CA ASP E 130 -27.93 14.64 -4.94
C ASP E 130 -27.95 16.16 -5.00
N ILE E 131 -29.13 16.76 -5.02
CA ILE E 131 -29.19 18.22 -5.11
C ILE E 131 -29.28 18.84 -3.72
N GLY E 132 -30.13 18.31 -2.87
CA GLY E 132 -30.43 19.04 -1.66
C GLY E 132 -29.67 18.72 -0.41
N LEU E 133 -29.30 17.46 -0.19
CA LEU E 133 -28.81 17.02 1.11
C LEU E 133 -27.32 16.70 1.12
N ASN E 134 -26.70 16.53 -0.04
CA ASN E 134 -25.27 16.30 -0.15
C ASN E 134 -24.55 17.60 0.19
N GLY E 135 -23.88 17.64 1.31
CA GLY E 135 -23.14 18.81 1.70
C GLY E 135 -23.97 19.95 2.21
N MET E 136 -25.24 19.69 2.53
CA MET E 136 -26.15 20.69 3.06
C MET E 136 -25.76 21.15 4.45
N ARG E 137 -25.34 20.22 5.30
CA ARG E 137 -25.01 20.56 6.67
C ARG E 137 -23.80 21.47 6.76
N GLU E 138 -22.76 21.21 5.97
CA GLU E 138 -21.59 22.08 5.97
C GLU E 138 -21.93 23.49 5.50
N MET E 139 -22.78 23.60 4.48
CA MET E 139 -23.23 24.89 3.95
C MET E 139 -24.00 25.69 4.98
N TYR E 140 -24.99 25.08 5.63
CA TYR E 140 -25.80 25.74 6.65
C TYR E 140 -25.05 26.04 7.94
N ILE E 141 -24.10 25.18 8.37
CA ILE E 141 -23.30 25.55 9.54
C ILE E 141 -22.35 26.70 9.23
N SER E 142 -21.83 26.77 7.99
CA SER E 142 -21.00 27.92 7.64
C SER E 142 -21.82 29.19 7.49
N LEU E 143 -23.06 29.07 7.01
CA LEU E 143 -23.89 30.25 6.81
C LEU E 143 -24.38 30.81 8.14
N GLY E 144 -24.51 29.95 9.14
CA GLY E 144 -24.97 30.40 10.44
C GLY E 144 -26.44 30.17 10.64
N VAL E 145 -27.05 29.43 9.71
CA VAL E 145 -28.46 29.04 9.83
C VAL E 145 -28.54 27.84 10.77
N PRO E 146 -29.29 27.93 11.87
CA PRO E 146 -29.35 26.81 12.80
C PRO E 146 -30.17 25.66 12.23
N LEU E 147 -29.83 24.46 12.65
CA LEU E 147 -30.46 23.24 12.20
C LEU E 147 -31.80 22.88 12.88
N PRO E 148 -32.03 23.17 14.18
CA PRO E 148 -33.43 23.10 14.67
C PRO E 148 -34.38 24.10 14.01
N ASN E 149 -33.85 25.22 13.53
CA ASN E 149 -34.67 26.17 12.81
C ASN E 149 -35.16 25.56 11.49
N LEU E 150 -34.30 24.80 10.82
CA LEU E 150 -34.65 24.10 9.60
C LEU E 150 -35.49 22.85 9.82
N ARG E 151 -35.24 22.08 10.91
CA ARG E 151 -36.17 21.11 11.49
C ARG E 151 -37.60 21.63 11.45
N VAL E 152 -37.86 22.71 12.19
CA VAL E 152 -39.22 23.20 12.33
C VAL E 152 -39.73 23.88 11.05
N ALA E 153 -38.83 24.47 10.24
CA ALA E 153 -39.25 25.08 8.99
C ALA E 153 -39.77 24.05 8.00
N MET E 154 -39.04 22.95 7.81
CA MET E 154 -39.54 21.93 6.90
C MET E 154 -40.69 21.12 7.50
N SER E 155 -40.81 21.04 8.83
CA SER E 155 -42.01 20.45 9.41
C SER E 155 -43.27 21.28 9.13
N CYS E 156 -43.18 22.61 9.30
CA CYS E 156 -44.30 23.47 8.96
C CYS E 156 -44.60 23.47 7.48
N LEU E 157 -43.56 23.38 6.64
CA LEU E 157 -43.77 23.29 5.19
C LEU E 157 -44.48 21.99 4.80
N LYS E 158 -44.12 20.88 5.46
CA LYS E 158 -44.83 19.62 5.27
C LYS E 158 -46.29 19.71 5.68
N GLU E 159 -46.56 20.34 6.83
CA GLU E 159 -47.95 20.44 7.32
C GLU E 159 -48.82 21.30 6.40
N VAL E 160 -48.28 22.42 5.91
CA VAL E 160 -49.00 23.24 4.93
C VAL E 160 -49.23 22.48 3.63
N ALA E 161 -48.21 21.78 3.11
CA ALA E 161 -48.39 21.05 1.85
C ALA E 161 -49.33 19.86 2.02
N ALA E 162 -49.42 19.29 3.23
CA ALA E 162 -50.43 18.29 3.51
C ALA E 162 -51.83 18.88 3.47
N GLY E 163 -51.98 20.10 3.99
CA GLY E 163 -53.23 20.83 3.82
C GLY E 163 -53.54 21.21 2.38
N ILE E 164 -52.53 21.33 1.53
CA ILE E 164 -52.76 21.70 0.13
C ILE E 164 -53.06 20.52 -0.78
N LEU E 165 -52.28 19.44 -0.71
CA LEU E 165 -52.23 18.52 -1.84
C LEU E 165 -53.45 17.61 -1.96
N SER E 166 -53.52 16.58 -1.13
CA SER E 166 -54.69 15.72 -0.94
C SER E 166 -54.40 14.82 0.25
N SER E 167 -55.21 13.78 0.43
CA SER E 167 -54.84 12.65 1.24
C SER E 167 -53.82 11.75 0.54
N GLU E 168 -53.99 11.54 -0.77
CA GLU E 168 -53.20 10.51 -1.43
C GLU E 168 -52.07 11.03 -2.31
N GLU E 169 -52.15 12.27 -2.79
CA GLU E 169 -50.95 12.89 -3.35
C GLU E 169 -49.93 13.16 -2.26
N MET E 170 -50.38 13.51 -1.07
CA MET E 170 -49.50 13.67 0.07
C MET E 170 -48.95 12.33 0.56
N ALA E 171 -49.64 11.23 0.27
CA ALA E 171 -49.09 9.90 0.55
C ALA E 171 -47.86 9.61 -0.30
N LEU E 172 -47.74 10.23 -1.46
CA LEU E 172 -46.51 10.21 -2.25
C LEU E 172 -45.46 11.17 -1.71
N ALA E 173 -45.87 12.40 -1.37
CA ALA E 173 -44.91 13.44 -1.01
C ALA E 173 -44.31 13.24 0.38
N ALA E 174 -45.07 12.71 1.33
CA ALA E 174 -44.67 12.59 2.73
C ALA E 174 -43.44 11.71 3.01
N PRO E 175 -43.14 10.62 2.27
CA PRO E 175 -41.77 10.07 2.38
C PRO E 175 -40.66 11.04 2.05
N TYR E 176 -40.83 11.87 1.02
CA TYR E 176 -39.78 12.80 0.63
C TYR E 176 -39.72 14.00 1.56
N PHE E 177 -40.86 14.47 2.06
CA PHE E 177 -40.84 15.52 3.08
C PHE E 177 -40.24 15.01 4.38
N ASP E 178 -40.54 13.75 4.76
CA ASP E 178 -39.91 13.14 5.93
C ASP E 178 -38.42 12.97 5.75
N ARG E 179 -37.99 12.57 4.55
CA ARG E 179 -36.57 12.44 4.23
C ARG E 179 -35.85 13.77 4.32
N LEU E 180 -36.48 14.84 3.83
CA LEU E 180 -35.93 16.17 3.95
C LEU E 180 -35.85 16.62 5.40
N ILE E 181 -36.90 16.35 6.18
CA ILE E 181 -36.96 16.74 7.58
C ILE E 181 -35.88 16.02 8.38
N ARG E 182 -35.72 14.70 8.15
CA ARG E 182 -34.76 13.87 8.87
C ARG E 182 -33.30 14.21 8.56
N ALA E 183 -33.03 14.99 7.52
CA ALA E 183 -31.64 15.33 7.19
C ALA E 183 -31.15 16.52 8.00
N PHE E 184 -32.01 17.14 8.79
CA PHE E 184 -31.60 18.29 9.58
C PHE E 184 -31.32 17.85 11.02
N MET F 1 -26.42 6.37 -21.05
CA MET F 1 -27.84 6.15 -20.75
C MET F 1 -28.48 7.31 -20.02
N LYS F 2 -29.49 7.88 -20.66
CA LYS F 2 -30.44 8.77 -20.01
C LYS F 2 -31.83 8.29 -20.39
N ASP F 3 -32.70 8.13 -19.39
CA ASP F 3 -34.06 7.72 -19.72
C ASP F 3 -34.97 8.93 -19.86
N THR F 4 -36.29 8.71 -19.97
CA THR F 4 -37.22 9.80 -20.17
C THR F 4 -37.41 10.67 -18.94
N ILE F 5 -37.42 10.08 -17.74
CA ILE F 5 -37.65 10.87 -16.54
C ILE F 5 -36.43 11.73 -16.22
N THR F 6 -35.23 11.17 -16.34
CA THR F 6 -34.02 11.93 -16.06
C THR F 6 -33.79 13.03 -17.09
N SER F 7 -34.10 12.76 -18.36
CA SER F 7 -33.92 13.74 -19.43
C SER F 7 -34.85 14.93 -19.33
N LEU F 8 -35.86 14.87 -18.48
CA LEU F 8 -36.71 16.00 -18.14
C LEU F 8 -36.39 16.60 -16.79
N ILE F 9 -36.05 15.79 -15.79
CA ILE F 9 -35.76 16.30 -14.46
C ILE F 9 -34.44 17.06 -14.43
N ASN F 10 -33.42 16.55 -15.14
CA ASN F 10 -32.11 17.18 -15.19
C ASN F 10 -32.08 18.60 -15.79
N PRO F 11 -32.73 18.90 -16.94
CA PRO F 11 -32.69 20.31 -17.40
C PRO F 11 -33.50 21.24 -16.53
N ALA F 12 -34.52 20.73 -15.85
CA ALA F 12 -35.23 21.54 -14.87
C ALA F 12 -34.36 21.84 -13.67
N ASP F 13 -33.43 20.95 -13.34
CA ASP F 13 -32.53 21.21 -12.23
C ASP F 13 -31.42 22.17 -12.61
N GLU F 14 -30.91 22.06 -13.85
CA GLU F 14 -29.96 23.04 -14.35
C GLU F 14 -30.59 24.43 -14.46
N LYS F 15 -31.85 24.49 -14.88
CA LYS F 15 -32.55 25.77 -14.87
C LYS F 15 -32.95 26.19 -13.46
N GLY F 16 -33.06 25.23 -12.56
CA GLY F 16 -33.54 25.50 -11.23
C GLY F 16 -35.03 25.71 -11.14
N SER F 17 -35.77 25.28 -12.14
CA SER F 17 -37.21 25.50 -12.22
C SER F 17 -37.93 24.18 -12.06
N TYR F 18 -39.24 24.27 -11.94
CA TYR F 18 -40.06 23.08 -11.98
C TYR F 18 -40.14 22.53 -13.39
N LEU F 19 -40.70 21.33 -13.49
CA LEU F 19 -41.04 20.79 -14.80
C LEU F 19 -42.17 21.61 -15.39
N ASP F 20 -41.86 22.33 -16.47
CA ASP F 20 -42.88 23.11 -17.16
C ASP F 20 -43.86 22.20 -17.91
N ALA F 21 -44.93 22.82 -18.41
CA ALA F 21 -46.12 22.11 -18.84
C ALA F 21 -45.89 21.21 -20.05
N ALA F 22 -44.96 21.60 -20.94
CA ALA F 22 -44.63 20.76 -22.08
C ALA F 22 -43.87 19.51 -21.66
N ALA F 23 -42.86 19.68 -20.81
CA ALA F 23 -42.06 18.55 -20.37
C ALA F 23 -42.85 17.67 -19.41
N LEU F 24 -43.67 18.28 -18.57
CA LEU F 24 -44.51 17.51 -17.66
C LEU F 24 -45.63 16.81 -18.41
N GLU F 25 -46.08 17.40 -19.51
CA GLU F 25 -47.04 16.75 -20.40
C GLU F 25 -46.44 15.55 -21.13
N GLN F 26 -45.21 15.68 -21.63
CA GLN F 26 -44.60 14.56 -22.34
C GLN F 26 -44.14 13.48 -21.37
N LEU F 27 -43.86 13.85 -20.12
CA LEU F 27 -43.68 12.87 -19.07
C LEU F 27 -44.97 12.17 -18.67
N ASN F 28 -46.10 12.87 -18.71
CA ASN F 28 -47.38 12.27 -18.33
C ASN F 28 -47.79 11.15 -19.27
N ARG F 29 -47.59 11.33 -20.56
CA ARG F 29 -47.93 10.29 -21.51
C ARG F 29 -46.94 9.14 -21.49
N TYR F 30 -45.72 9.38 -20.99
CA TYR F 30 -44.81 8.29 -20.67
C TYR F 30 -45.30 7.51 -19.46
N PHE F 31 -45.94 8.19 -18.51
CA PHE F 31 -46.40 7.56 -17.28
C PHE F 31 -47.67 6.74 -17.51
N GLN F 32 -48.36 6.97 -18.62
CA GLN F 32 -49.49 6.11 -18.97
C GLN F 32 -49.16 5.24 -20.18
N SER F 33 -47.95 5.35 -20.73
CA SER F 33 -47.39 4.17 -21.38
C SER F 33 -47.21 3.15 -20.27
N GLY F 34 -46.18 3.35 -19.46
CA GLY F 34 -46.14 2.84 -18.11
C GLY F 34 -46.27 1.35 -17.87
N ASN F 35 -47.47 0.97 -17.42
CA ASN F 35 -47.76 -0.39 -17.00
C ASN F 35 -47.66 -1.38 -18.15
N MET F 36 -47.91 -0.93 -19.38
CA MET F 36 -47.73 -1.82 -20.52
C MET F 36 -46.27 -2.06 -20.85
N ARG F 37 -45.41 -1.04 -20.68
CA ARG F 37 -43.98 -1.24 -20.88
C ARG F 37 -43.41 -2.20 -19.83
N VAL F 38 -43.90 -2.11 -18.60
CA VAL F 38 -43.49 -3.04 -17.55
C VAL F 38 -44.06 -4.43 -17.81
N LYS F 39 -45.28 -4.53 -18.35
CA LYS F 39 -45.84 -5.82 -18.70
C LYS F 39 -45.06 -6.49 -19.84
N ALA F 40 -44.68 -5.72 -20.86
CA ALA F 40 -43.82 -6.21 -21.92
C ALA F 40 -42.43 -6.59 -21.42
N ALA F 41 -41.84 -5.81 -20.52
CA ALA F 41 -40.56 -6.16 -19.94
C ALA F 41 -40.66 -7.39 -19.04
N LYS F 42 -41.81 -7.63 -18.41
CA LYS F 42 -41.99 -8.86 -17.65
C LYS F 42 -42.11 -10.08 -18.55
N THR F 43 -42.86 -9.93 -19.65
CA THR F 43 -43.05 -11.02 -20.61
C THR F 43 -41.73 -11.39 -21.28
N ILE F 44 -40.94 -10.39 -21.67
CA ILE F 44 -39.64 -10.64 -22.28
C ILE F 44 -38.63 -11.23 -21.30
N SER F 45 -38.58 -10.76 -20.06
CA SER F 45 -37.60 -11.23 -19.09
C SER F 45 -37.77 -12.68 -18.68
N SER F 46 -38.99 -13.20 -18.70
CA SER F 46 -39.23 -14.61 -18.40
C SER F 46 -39.02 -15.50 -19.61
N SER F 47 -39.42 -15.05 -20.80
CA SER F 47 -39.37 -15.86 -22.01
C SER F 47 -38.32 -15.39 -23.00
N ALA F 48 -37.15 -14.98 -22.53
CA ALA F 48 -36.14 -14.42 -23.42
C ALA F 48 -35.47 -15.50 -24.26
N SER F 49 -35.19 -16.65 -23.64
CA SER F 49 -34.59 -17.77 -24.36
C SER F 49 -35.54 -18.31 -25.42
N SER F 50 -36.83 -18.37 -25.10
CA SER F 50 -37.83 -18.79 -26.07
C SER F 50 -37.94 -17.83 -27.24
N ILE F 51 -37.85 -16.52 -26.96
CA ILE F 51 -37.89 -15.50 -28.01
C ILE F 51 -36.68 -15.63 -28.92
N ILE F 52 -35.49 -15.85 -28.35
CA ILE F 52 -34.28 -16.00 -29.14
C ILE F 52 -34.30 -17.30 -29.95
N SER F 53 -34.83 -18.37 -29.36
CA SER F 53 -34.95 -19.67 -30.04
C SER F 53 -35.89 -19.57 -31.24
N LYS F 54 -37.04 -18.91 -31.07
CA LYS F 54 -37.96 -18.69 -32.18
C LYS F 54 -37.40 -17.74 -33.22
N THR F 55 -36.62 -16.74 -32.81
CA THR F 55 -35.98 -15.82 -33.74
C THR F 55 -34.96 -16.52 -34.64
N VAL F 56 -34.12 -17.38 -34.05
CA VAL F 56 -33.17 -18.16 -34.84
C VAL F 56 -33.87 -19.20 -35.70
N ALA F 57 -34.93 -19.84 -35.18
CA ALA F 57 -35.59 -20.94 -35.88
C ALA F 57 -36.38 -20.51 -37.09
N LYS F 58 -36.56 -19.20 -37.33
CA LYS F 58 -37.33 -18.75 -38.47
C LYS F 58 -36.54 -17.78 -39.36
N SER F 59 -35.29 -17.48 -39.03
CA SER F 59 -34.52 -16.61 -39.90
C SER F 59 -33.14 -17.14 -40.22
N LEU F 60 -32.55 -17.91 -39.32
CA LEU F 60 -31.17 -18.34 -39.49
C LEU F 60 -31.01 -19.82 -39.71
N LEU F 61 -31.87 -20.66 -39.17
CA LEU F 61 -31.63 -22.08 -39.27
C LEU F 61 -32.04 -22.64 -40.63
N TYR F 62 -31.64 -23.89 -40.82
CA TYR F 62 -32.02 -24.82 -41.88
C TYR F 62 -31.55 -24.32 -43.23
N GLY F 63 -30.33 -23.77 -43.24
CA GLY F 63 -29.74 -23.23 -44.43
C GLY F 63 -28.25 -23.44 -44.42
N ASP F 64 -27.57 -22.62 -45.21
CA ASP F 64 -26.13 -22.78 -45.39
C ASP F 64 -25.31 -21.99 -44.40
N ILE F 65 -25.92 -21.16 -43.56
CA ILE F 65 -25.15 -20.38 -42.61
C ILE F 65 -24.71 -21.24 -41.43
N THR F 66 -25.38 -22.36 -41.14
CA THR F 66 -25.03 -23.23 -40.04
C THR F 66 -24.28 -24.47 -40.50
N LEU F 67 -24.11 -24.63 -41.78
CA LEU F 67 -23.32 -25.65 -42.45
C LEU F 67 -21.88 -25.16 -42.58
N PRO F 68 -20.89 -26.07 -42.82
CA PRO F 68 -19.49 -25.62 -42.84
C PRO F 68 -19.14 -24.64 -43.94
N GLY F 69 -18.51 -23.55 -43.54
CA GLY F 69 -18.29 -22.43 -44.44
C GLY F 69 -19.19 -21.28 -44.08
N GLY F 70 -20.27 -21.56 -43.36
CA GLY F 70 -21.17 -20.54 -42.88
C GLY F 70 -20.61 -19.85 -41.65
N MEN F 71 -21.24 -18.78 -41.21
CA MEN F 71 -20.70 -17.99 -40.15
C MEN F 71 -21.37 -18.35 -38.83
O MEN F 71 -21.18 -17.78 -37.77
CB MEN F 71 -20.83 -16.48 -40.41
CG MEN F 71 -19.91 -15.64 -39.53
OD1 MEN F 71 -20.40 -14.97 -38.62
ND2 MEN F 71 -18.56 -15.66 -39.73
CE2 MEN F 71 -17.67 -14.90 -38.92
N MET F 72 -22.20 -19.37 -38.89
CA MET F 72 -22.80 -19.90 -37.67
C MET F 72 -22.32 -21.33 -37.50
N TYR F 73 -21.19 -21.63 -38.14
CA TYR F 73 -20.48 -22.88 -37.99
C TYR F 73 -19.06 -22.53 -37.57
N PRO F 74 -18.49 -23.22 -36.58
CA PRO F 74 -18.98 -24.32 -35.77
C PRO F 74 -19.84 -23.84 -34.58
N THR F 75 -19.89 -24.64 -33.51
CA THR F 75 -20.77 -24.34 -32.38
C THR F 75 -20.39 -23.05 -31.67
N ARG F 76 -19.12 -22.68 -31.73
CA ARG F 76 -18.64 -21.45 -31.09
C ARG F 76 -19.24 -20.23 -31.77
N ARG F 77 -19.33 -20.26 -33.10
CA ARG F 77 -19.95 -19.17 -33.84
C ARG F 77 -21.45 -19.13 -33.66
N TYR F 78 -22.11 -20.29 -33.55
CA TYR F 78 -23.52 -20.33 -33.18
C TYR F 78 -23.76 -19.73 -31.81
N ALA F 79 -22.94 -20.08 -30.82
CA ALA F 79 -23.08 -19.54 -29.48
C ALA F 79 -22.85 -18.04 -29.44
N ALA F 80 -21.90 -17.55 -30.24
CA ALA F 80 -21.65 -16.12 -30.35
C ALA F 80 -22.84 -15.38 -30.95
N CYS F 81 -23.45 -15.94 -32.00
CA CYS F 81 -24.65 -15.37 -32.59
C CYS F 81 -25.82 -15.35 -31.61
N LEU F 82 -25.94 -16.42 -30.83
CA LEU F 82 -27.02 -16.55 -29.86
C LEU F 82 -26.88 -15.52 -28.74
N ARG F 83 -25.66 -15.31 -28.24
CA ARG F 83 -25.52 -14.28 -27.22
C ARG F 83 -25.57 -12.87 -27.79
N ASP F 84 -25.25 -12.70 -29.08
CA ASP F 84 -25.47 -11.41 -29.74
C ASP F 84 -26.94 -11.05 -29.81
N LEU F 85 -27.76 -12.01 -30.21
CA LEU F 85 -29.20 -11.76 -30.30
C LEU F 85 -29.81 -11.56 -28.92
N THR F 86 -29.25 -12.23 -27.91
CA THR F 86 -29.68 -11.97 -26.54
C THR F 86 -29.30 -10.57 -26.06
N TYR F 87 -28.11 -10.08 -26.45
CA TYR F 87 -27.74 -8.69 -26.21
C TYR F 87 -28.72 -7.73 -26.86
N PHE F 88 -29.07 -7.99 -28.12
CA PHE F 88 -29.97 -7.11 -28.86
C PHE F 88 -31.34 -7.05 -28.22
N LEU F 89 -31.87 -8.22 -27.82
CA LEU F 89 -33.17 -8.28 -27.14
C LEU F 89 -33.12 -7.59 -25.78
N ARG F 90 -32.06 -7.79 -25.00
CA ARG F 90 -31.98 -7.21 -23.67
C ARG F 90 -31.82 -5.70 -23.72
N TYR F 91 -30.99 -5.19 -24.63
CA TYR F 91 -30.83 -3.76 -24.70
C TYR F 91 -31.99 -3.07 -25.39
N ALA F 92 -32.70 -3.74 -26.31
CA ALA F 92 -33.95 -3.19 -26.81
C ALA F 92 -35.03 -3.17 -25.73
N THR F 93 -35.08 -4.16 -24.85
CA THR F 93 -36.01 -4.14 -23.72
C THR F 93 -35.67 -3.02 -22.73
N TYR F 94 -34.38 -2.79 -22.48
CA TYR F 94 -33.95 -1.66 -21.65
C TYR F 94 -34.35 -0.33 -22.27
N ALA F 95 -34.14 -0.18 -23.58
CA ALA F 95 -34.46 1.07 -24.26
C ALA F 95 -35.96 1.26 -24.40
N MET F 96 -36.73 0.17 -24.42
CA MET F 96 -38.18 0.27 -24.43
C MET F 96 -38.72 0.67 -23.08
N LEU F 97 -38.17 0.08 -22.02
CA LEU F 97 -38.62 0.39 -20.67
C LEU F 97 -38.25 1.81 -20.28
N ALA F 98 -37.13 2.30 -20.78
CA ALA F 98 -36.67 3.66 -20.57
C ALA F 98 -37.31 4.66 -21.52
N ALA F 99 -37.95 4.16 -22.58
CA ALA F 99 -38.47 4.94 -23.72
C ALA F 99 -37.42 5.85 -24.33
N ASP F 100 -36.20 5.32 -24.44
CA ASP F 100 -35.13 6.17 -24.93
C ASP F 100 -34.06 5.30 -25.55
N PRO F 101 -33.66 5.57 -26.80
CA PRO F 101 -32.67 4.72 -27.46
C PRO F 101 -31.21 5.07 -27.16
N SER F 102 -30.95 5.82 -26.09
CA SER F 102 -29.57 6.19 -25.77
C SER F 102 -28.75 5.01 -25.27
N ILE F 103 -29.39 4.05 -24.58
CA ILE F 103 -28.67 2.86 -24.13
C ILE F 103 -28.35 1.91 -25.28
N LEU F 104 -28.99 2.08 -26.44
CA LEU F 104 -28.68 1.33 -27.63
C LEU F 104 -27.48 1.87 -28.38
N ASP F 105 -27.07 3.05 -28.07
CA ASP F 105 -26.02 3.70 -28.83
C ASP F 105 -24.68 3.68 -28.12
N GLU F 106 -24.68 3.81 -26.81
CA GLU F 106 -23.44 3.77 -26.04
C GLU F 106 -23.15 2.39 -25.43
N ARG F 107 -24.05 1.42 -25.59
CA ARG F 107 -23.74 0.04 -25.23
C ARG F 107 -23.76 -0.94 -26.38
N VAL F 108 -24.46 -0.66 -27.48
CA VAL F 108 -24.62 -1.69 -28.50
C VAL F 108 -24.05 -1.20 -29.82
N LEU F 109 -24.54 -0.07 -30.32
CA LEU F 109 -24.26 0.37 -31.68
C LEU F 109 -23.08 1.31 -31.68
N GLN F 110 -21.92 0.83 -31.25
CA GLN F 110 -20.75 1.68 -31.27
C GLN F 110 -19.53 0.84 -31.66
N GLY F 111 -19.13 0.95 -32.92
CA GLY F 111 -18.14 0.08 -33.49
C GLY F 111 -18.66 -1.26 -33.93
N LEU F 112 -19.97 -1.50 -33.80
CA LEU F 112 -20.54 -2.82 -34.08
C LEU F 112 -20.50 -3.14 -35.55
N LYS F 113 -20.78 -2.15 -36.40
CA LYS F 113 -20.73 -2.33 -37.85
C LYS F 113 -19.32 -2.64 -38.32
N GLU F 114 -18.35 -1.93 -37.76
CA GLU F 114 -16.94 -2.18 -38.09
C GLU F 114 -16.48 -3.52 -37.55
N THR F 115 -16.98 -3.90 -36.36
CA THR F 115 -16.69 -5.22 -35.78
C THR F 115 -17.18 -6.33 -36.68
N TYR F 116 -18.41 -6.20 -37.20
CA TYR F 116 -18.98 -7.23 -38.03
C TYR F 116 -18.34 -7.27 -39.41
N ILE F 117 -17.93 -6.11 -39.94
CA ILE F 117 -17.25 -6.08 -41.24
C ILE F 117 -15.85 -6.68 -41.12
N THR F 118 -15.14 -6.39 -40.03
CA THR F 118 -13.84 -7.00 -39.79
C THR F 118 -13.94 -8.50 -39.56
N LEU F 119 -14.97 -8.93 -38.82
CA LEU F 119 -15.11 -10.33 -38.47
C LEU F 119 -15.64 -11.16 -39.62
N GLY F 120 -16.28 -10.53 -40.59
CA GLY F 120 -16.92 -11.25 -41.66
C GLY F 120 -18.33 -11.67 -41.37
N VAL F 121 -18.95 -11.13 -40.33
CA VAL F 121 -20.31 -11.46 -39.92
C VAL F 121 -21.27 -10.86 -40.94
N PRO F 122 -22.16 -11.65 -41.53
CA PRO F 122 -23.11 -11.09 -42.51
C PRO F 122 -24.16 -10.20 -41.87
N ILE F 123 -24.01 -8.89 -42.08
CA ILE F 123 -24.86 -7.88 -41.44
C ILE F 123 -26.28 -7.96 -41.97
N ASP F 124 -26.46 -8.38 -43.23
CA ASP F 124 -27.80 -8.55 -43.78
C ASP F 124 -28.55 -9.69 -43.10
N ARG F 125 -27.83 -10.76 -42.74
CA ARG F 125 -28.44 -11.85 -42.00
C ARG F 125 -28.79 -11.44 -40.57
N VAL F 126 -27.96 -10.60 -39.95
CA VAL F 126 -28.24 -10.04 -38.63
C VAL F 126 -29.50 -9.17 -38.68
N ILE F 127 -29.63 -8.34 -39.71
CA ILE F 127 -30.79 -7.48 -39.90
C ILE F 127 -32.04 -8.30 -40.16
N GLN F 128 -31.89 -9.40 -40.91
CA GLN F 128 -33.01 -10.30 -41.18
C GLN F 128 -33.44 -11.07 -39.93
N ALA F 129 -32.48 -11.43 -39.07
CA ALA F 129 -32.81 -12.03 -37.78
C ALA F 129 -33.49 -11.03 -36.83
N LEU F 130 -33.09 -9.77 -36.87
CA LEU F 130 -33.77 -8.75 -36.07
C LEU F 130 -35.18 -8.48 -36.59
N ASN F 131 -35.37 -8.53 -37.91
CA ASN F 131 -36.71 -8.46 -38.51
C ASN F 131 -37.58 -9.64 -38.09
N ALA F 132 -37.00 -10.83 -37.98
CA ALA F 132 -37.76 -11.97 -37.45
C ALA F 132 -38.01 -11.86 -35.96
N MET F 133 -37.10 -11.22 -35.21
CA MET F 133 -37.29 -10.98 -33.79
C MET F 133 -38.49 -10.09 -33.55
N LYS F 134 -38.68 -9.10 -34.43
CA LYS F 134 -39.88 -8.26 -34.36
C LYS F 134 -41.16 -9.05 -34.58
N GLU F 135 -41.14 -10.02 -35.51
CA GLU F 135 -42.33 -10.84 -35.75
C GLU F 135 -42.58 -11.81 -34.60
N VAL F 136 -41.51 -12.32 -33.98
CA VAL F 136 -41.63 -13.16 -32.80
C VAL F 136 -42.21 -12.38 -31.64
N LEU F 137 -41.74 -11.15 -31.42
CA LEU F 137 -42.25 -10.28 -30.38
C LEU F 137 -43.68 -9.81 -30.64
N THR F 138 -44.07 -9.70 -31.91
CA THR F 138 -45.44 -9.34 -32.25
C THR F 138 -46.44 -10.42 -31.84
N GLU F 139 -46.05 -11.69 -31.93
CA GLU F 139 -46.93 -12.79 -31.60
C GLU F 139 -46.95 -13.09 -30.12
N SER F 140 -46.06 -12.48 -29.33
CA SER F 140 -45.95 -12.77 -27.92
C SER F 140 -46.26 -11.60 -27.00
N LEU F 141 -46.10 -10.36 -27.46
CA LEU F 141 -46.38 -9.20 -26.64
C LEU F 141 -47.78 -8.71 -26.95
N ASP F 142 -48.16 -7.55 -26.39
CA ASP F 142 -49.39 -6.87 -26.76
C ASP F 142 -49.16 -6.05 -28.02
N THR F 143 -50.15 -5.29 -28.43
CA THR F 143 -50.14 -4.64 -29.74
C THR F 143 -49.19 -3.46 -29.82
N GLU F 144 -49.31 -2.48 -28.93
CA GLU F 144 -48.44 -1.31 -29.00
C GLU F 144 -47.08 -1.59 -28.34
N ALA F 145 -47.02 -2.60 -27.47
CA ALA F 145 -45.75 -3.08 -26.92
C ALA F 145 -44.85 -3.64 -28.00
N SER F 146 -45.43 -4.41 -28.92
CA SER F 146 -44.71 -4.91 -30.07
C SER F 146 -44.23 -3.78 -30.97
N GLN F 147 -45.03 -2.72 -31.10
CA GLN F 147 -44.66 -1.59 -31.94
C GLN F 147 -43.50 -0.81 -31.33
N GLU F 148 -43.49 -0.67 -30.00
CA GLU F 148 -42.37 0.03 -29.37
C GLU F 148 -41.09 -0.80 -29.38
N MET F 149 -41.21 -2.12 -29.18
CA MET F 149 -40.05 -2.99 -29.38
C MET F 149 -39.58 -2.99 -30.83
N ALA F 150 -40.50 -2.85 -31.78
CA ALA F 150 -40.14 -2.71 -33.18
C ALA F 150 -39.35 -1.45 -33.45
N VAL F 151 -39.74 -0.34 -32.82
CA VAL F 151 -39.00 0.92 -32.93
C VAL F 151 -37.59 0.76 -32.39
N TYR F 152 -37.47 0.11 -31.23
CA TYR F 152 -36.16 0.04 -30.60
C TYR F 152 -35.31 -1.06 -31.20
N LEU F 153 -35.90 -1.97 -31.98
CA LEU F 153 -35.10 -2.91 -32.75
C LEU F 153 -34.72 -2.34 -34.11
N ASP F 154 -35.60 -1.51 -34.72
CA ASP F 154 -35.24 -0.75 -35.90
C ASP F 154 -34.11 0.23 -35.66
N HIS F 155 -33.98 0.75 -34.44
CA HIS F 155 -32.82 1.59 -34.13
C HIS F 155 -31.51 0.80 -34.21
N ILE F 156 -31.52 -0.46 -33.77
CA ILE F 156 -30.35 -1.32 -33.93
C ILE F 156 -30.12 -1.67 -35.40
N ILE F 157 -31.21 -1.91 -36.13
CA ILE F 157 -31.13 -2.25 -37.55
C ILE F 157 -30.58 -1.08 -38.37
N ALA F 158 -31.04 0.14 -38.07
CA ALA F 158 -30.55 1.33 -38.75
C ALA F 158 -29.13 1.65 -38.34
N GLY F 159 -28.73 1.31 -37.12
CA GLY F 159 -27.35 1.46 -36.74
C GLY F 159 -26.42 0.42 -37.34
N LEU F 160 -26.96 -0.63 -37.93
CA LEU F 160 -26.17 -1.74 -38.44
C LEU F 160 -26.11 -1.75 -39.96
CHA CYC G . 4.95 -53.26 -5.08
NA CYC G . 6.51 -51.57 -4.09
C1A CYC G . 5.42 -52.04 -4.98
C2A CYC G . 4.96 -50.82 -5.75
C3A CYC G . 5.74 -49.67 -5.33
C4A CYC G . 6.72 -50.14 -4.29
CMA CYC G . 5.51 -48.29 -5.94
CAA CYC G . 3.83 -50.84 -6.80
CBA CYC G . 4.23 -51.56 -8.09
CGA CYC G . 5.09 -50.66 -8.95
O1A CYC G . 6.21 -50.27 -8.56
O2A CYC G . 4.69 -50.30 -10.09
CHB CYC G . 7.83 -49.50 -3.44
NB CYC G . 7.86 -46.99 -4.03
C1B CYC G . 8.29 -48.28 -3.35
C2B CYC G . 9.42 -47.90 -2.46
C3B CYC G . 9.71 -46.53 -2.56
C4B CYC G . 8.78 -45.89 -3.52
CMB CYC G . 10.17 -48.89 -1.59
CAB CYC G . 10.81 -45.82 -1.78
CBB CYC G . 11.83 -45.17 -2.72
OB CYC G . 8.71 -44.77 -3.84
NC CYC G . 6.83 -58.15 -0.69
C1C CYC G . 7.41 -59.01 0.33
C2C CYC G . 8.49 -58.33 1.01
C3C CYC G . 8.71 -57.04 0.24
C4C CYC G . 7.50 -56.89 -0.74
CMC CYC G . 8.03 -57.94 2.41
CAC CYC G . 9.98 -57.15 -0.51
CBC CYC G . 11.12 -56.67 0.41
OC CYC G . 7.02 -60.09 0.55
CHD CYC G . 7.56 -56.08 -1.79
ND CYC G . 6.51 -54.47 -3.28
C1D CYC G . 6.50 -55.72 -2.84
C2D CYC G . 5.50 -56.41 -3.52
C3D CYC G . 4.90 -55.53 -4.34
C4D CYC G . 5.54 -54.32 -4.19
CMD CYC G . 5.05 -57.87 -3.44
CAD CYC G . 3.73 -55.84 -5.29
CBD CYC G . 2.36 -55.66 -4.64
CGD CYC G . 1.31 -55.64 -5.73
O1D CYC G . 0.09 -55.62 -5.45
O2D CYC G . 1.66 -55.64 -6.94
CHA CYC H . 21.97 0.24 2.69
NA CYC H . 22.52 -2.14 2.21
C1A CYC H . 21.62 -0.95 2.26
C2A CYC H . 20.28 -1.44 1.73
C3A CYC H . 20.39 -2.86 1.37
C4A CYC H . 21.79 -3.28 1.67
CMA CYC H . 19.26 -3.70 0.78
CAA CYC H . 19.00 -0.59 1.60
CBA CYC H . 18.00 -0.83 2.73
CGA CYC H . 18.61 -0.46 4.07
O1A CYC H . 18.55 -1.29 5.02
O2A CYC H . 19.17 0.64 4.25
CHB CYC H . 22.46 -4.64 1.48
NB CYC H . 20.68 -6.05 2.66
C1B CYC H . 21.95 -5.79 1.87
C2B CYC H . 22.52 -7.12 1.59
C3B CYC H . 21.72 -8.15 2.15
C4B CYC H . 20.53 -7.56 2.83
CMB CYC H . 23.81 -7.39 0.83
CAB CYC H . 22.08 -9.63 1.98
CBB CYC H . 21.98 -10.43 3.28
OB CYC H . 19.65 -8.11 3.40
NC CYC H . 28.21 2.59 1.73
C1C CYC H . 29.61 3.00 1.68
C2C CYC H . 30.46 1.89 2.04
C3C CYC H . 29.57 0.67 1.98
C4C CYC H . 28.14 1.22 2.13
CMC CYC H . 31.52 1.74 0.94
CAC CYC H . 29.92 -0.25 3.09
CBC CYC H . 30.34 -1.59 2.49
OC CYC H . 30.00 4.07 1.38
CHD CYC H . 27.11 0.51 2.61
ND CYC H . 24.66 0.02 2.50
C1D CYC H . 25.64 0.89 2.80
C2D CYC H . 25.04 2.03 3.27
C3D CYC H . 23.71 1.84 3.23
C4D CYC H . 23.48 0.58 2.75
CMD CYC H . 25.71 3.32 3.77
CAD CYC H . 22.66 2.86 3.68
CBD CYC H . 22.25 3.82 2.57
CGD CYC H . 21.49 4.96 3.23
O1D CYC H . 21.08 5.92 2.55
O2D CYC H . 21.28 4.92 4.48
CL CL I . 21.63 -1.12 9.58
CHA CYC J . 37.29 6.95 15.05
NA CYC J . 35.11 8.15 15.17
C1A CYC J . 36.17 7.34 14.51
C2A CYC J . 35.69 7.09 13.11
C3A CYC J . 34.37 7.71 12.93
C4A CYC J . 34.01 8.39 14.22
CMA CYC J . 33.63 7.63 11.60
CAA CYC J . 36.46 6.28 12.06
CBA CYC J . 37.70 7.02 11.54
CGA CYC J . 37.31 8.07 10.52
O1A CYC J . 36.58 9.04 10.84
O2A CYC J . 37.71 7.98 9.34
CHB CYC J . 32.84 9.21 14.76
NB CYC J . 31.11 9.36 12.83
C1B CYC J . 31.71 9.61 14.21
C2B CYC J . 30.72 10.46 14.92
C3B CYC J . 29.60 10.73 14.10
C4B CYC J . 29.78 10.08 12.79
CMB CYC J . 30.91 10.97 16.34
CAB CYC J . 28.40 11.58 14.54
CBB CYC J . 28.23 12.80 13.63
OB CYC J . 29.05 10.10 11.87
NC CYC J . 38.50 7.67 21.74
C1C CYC J . 38.54 7.97 23.16
C2C CYC J . 37.43 8.82 23.52
C3C CYC J . 36.77 9.22 22.21
C4C CYC J . 37.39 8.31 21.11
CMC CYC J . 36.41 7.99 24.30
CAC CYC J . 37.07 10.65 21.96
CBC CYC J . 35.97 11.49 22.63
OC CYC J . 39.36 7.56 23.88
CHD CYC J . 37.31 8.63 19.83
ND CYC J . 37.01 7.98 17.49
C1D CYC J . 37.79 7.89 18.57
C2D CYC J . 38.89 7.11 18.23
C3D CYC J . 38.73 6.74 16.95
C4D CYC J . 37.56 7.30 16.50
CMD CYC J . 40.11 6.68 19.04
CAD CYC J . 39.72 5.88 16.14
CBD CYC J . 39.43 4.37 16.25
CGD CYC J . 40.20 3.65 15.17
O1D CYC J . 40.24 2.40 15.13
O2D CYC J . 40.82 4.30 14.29
CHA CYC K . -13.49 20.25 -6.43
NA CYC K . -11.37 20.97 -5.31
C1A CYC K . -12.21 20.05 -6.15
C2A CYC K . -11.29 18.92 -6.56
C3A CYC K . -9.95 19.16 -6.00
C4A CYC K . -10.02 20.43 -5.22
CMA CYC K . -8.74 18.24 -6.20
CAA CYC K . -11.68 17.72 -7.42
CBA CYC K . -11.94 16.45 -6.61
CGA CYC K . -13.09 16.66 -5.64
O1A CYC K . -12.94 16.37 -4.43
O2A CYC K . -14.18 17.14 -6.03
CHB CYC K . -8.92 21.16 -4.44
NB CYC K . -8.13 19.14 -3.06
C1B CYC K . -8.12 20.58 -3.58
C2B CYC K . -6.98 21.23 -2.89
C3B CYC K . -6.31 20.33 -2.03
C4B CYC K . -6.97 18.99 -2.08
CMB CYC K . -6.57 22.68 -3.06
CAB CYC K . -5.09 20.75 -1.21
CBB CYC K . -5.14 20.33 0.24
OB CYC K . -6.68 18.00 -1.51
NC CYC K . -15.94 26.48 -7.24
C1C CYC K . -16.50 27.84 -7.25
C2C CYC K . -15.93 28.57 -6.14
C3C CYC K . -14.75 27.76 -5.65
C4C CYC K . -15.02 26.33 -6.15
CMC CYC K . -15.38 29.89 -6.70
CAC CYC K . -14.68 27.81 -4.18
CBC CYC K . -13.32 28.40 -3.78
OC CYC K . -17.26 28.26 -8.02
CHD CYC K . -14.55 25.23 -5.57
ND CYC K . -13.66 22.90 -5.89
C1D CYC K . -14.71 23.74 -5.96
C2D CYC K . -15.79 23.01 -6.38
C3D CYC K . -15.38 21.75 -6.58
C4D CYC K . -14.05 21.67 -6.27
CMD CYC K . -17.23 23.50 -6.60
CAD CYC K . -16.28 20.59 -7.04
CBD CYC K . -16.38 20.49 -8.55
CGD CYC K . -17.52 19.55 -8.85
O1D CYC K . -17.87 19.31 -10.04
O2D CYC K . -18.15 19.01 -7.89
CL CL L . -16.27 18.09 -0.16
CHA CYC M . -28.47 31.58 2.56
NA CYC M . -29.14 29.41 1.51
C1A CYC M . -28.31 30.63 1.67
C2A CYC M . -27.24 30.54 0.61
C3A CYC M . -27.42 29.31 -0.16
C4A CYC M . -28.63 28.60 0.41
CMA CYC M . -26.49 28.94 -1.31
CAA CYC M . -26.13 31.59 0.41
CBA CYC M . -26.66 32.91 -0.18
CGA CYC M . -26.88 32.77 -1.68
O1A CYC M . -27.72 31.96 -2.13
O2A CYC M . -26.23 33.48 -2.46
CHB CYC M . -29.39 27.32 0.10
NB CYC M . -28.14 26.16 -1.85
C1B CYC M . -29.22 26.36 -0.79
C2B CYC M . -30.14 25.20 -0.92
C3B CYC M . -29.72 24.33 -1.96
C4B CYC M . -28.47 24.87 -2.58
CMB CYC M . -31.36 24.99 -0.06
CAB CYC M . -30.44 23.05 -2.35
CBB CYC M . -30.90 23.09 -3.80
OB CYC M . -27.85 24.41 -3.46
NC CYC M . -32.98 30.95 7.66
C1C CYC M . -34.02 30.60 8.61
C2C CYC M . -34.72 29.41 8.17
C3C CYC M . -34.21 29.12 6.78
C4C CYC M . -32.97 30.03 6.56
CMC CYC M . -34.31 28.24 9.07
CAC CYC M . -35.28 29.43 5.81
CBC CYC M . -36.14 28.18 5.63
OC CYC M . -34.23 31.20 9.59
CHD CYC M . -32.49 30.28 5.35
ND CYC M . -30.63 30.62 3.83
C1D CYC M . -31.27 31.10 4.89
C2D CYC M . -30.65 32.27 5.29
C3D CYC M . -29.60 32.46 4.46
C4D CYC M . -29.61 31.44 3.55
CMD CYC M . -30.96 33.24 6.43
CAD CYC M . -28.62 33.64 4.53
CBD CYC M . -27.42 33.38 5.43
CGD CYC M . -26.36 34.43 5.15
O1D CYC M . -25.33 34.49 5.86
O2D CYC M . -26.51 35.24 4.21
CHA CYC N . -18.66 -11.92 -32.49
NA CYC N . -20.21 -10.20 -31.59
C1A CYC N . -18.86 -10.77 -31.89
C2A CYC N . -17.87 -9.76 -31.36
C3A CYC N . -18.59 -8.61 -30.78
C4A CYC N . -20.05 -8.91 -30.92
CMA CYC N . -17.94 -7.39 -30.15
CAA CYC N . -16.34 -9.88 -31.42
CBA CYC N . -15.72 -10.34 -30.08
CGA CYC N . -16.25 -11.71 -29.71
O1A CYC N . -16.71 -11.87 -28.55
O2A CYC N . -16.22 -12.67 -30.51
CHB CYC N . -21.26 -8.07 -30.50
NB CYC N . -20.53 -7.65 -28.08
C1B CYC N . -21.41 -7.52 -29.32
C2B CYC N . -22.51 -6.62 -28.92
C3B CYC N . -22.37 -6.19 -27.58
C4B CYC N . -21.14 -6.79 -26.98
CMB CYC N . -23.66 -6.19 -29.83
CAB CYC N . -23.37 -5.23 -26.93
CBB CYC N . -23.83 -5.66 -25.55
OB CYC N . -20.71 -6.66 -25.89
NC CYC N . -22.84 -14.16 -37.28
C1C CYC N . -23.86 -14.71 -38.18
C2C CYC N . -25.16 -14.47 -37.63
C3C CYC N . -24.97 -13.46 -36.52
C4C CYC N . -23.48 -13.57 -36.14
CMC CYC N . -26.02 -13.82 -38.72
CAC CYC N . -25.85 -13.79 -35.39
CBC CYC N . -26.78 -12.59 -35.14
OC CYC N . -23.64 -15.25 -39.20
CHD CYC N . -22.99 -13.24 -34.94
ND CYC N . -21.07 -12.27 -33.66
C1D CYC N . -21.55 -13.27 -34.42
C2D CYC N . -20.54 -14.20 -34.54
C3D CYC N . -19.47 -13.73 -33.88
C4D CYC N . -19.81 -12.53 -33.31
CMD CYC N . -20.57 -15.53 -35.31
CAD CYC N . -18.13 -14.45 -33.76
CBD CYC N . -17.17 -14.15 -34.91
CGD CYC N . -16.05 -15.16 -34.83
O1D CYC N . -15.15 -15.17 -35.70
O2D CYC N . -16.05 -16.01 -33.89
CL CL O . -19.96 -16.28 -27.01
#